data_1PQ9
#
_entry.id   1PQ9
#
_cell.length_a   58.866
_cell.length_b   103.606
_cell.length_c   176.378
_cell.angle_alpha   90.00
_cell.angle_beta   90.00
_cell.angle_gamma   90.00
#
_symmetry.space_group_name_H-M   'P 21 21 21'
#
loop_
_entity.id
_entity.type
_entity.pdbx_description
1 polymer 'Oxysterols receptor LXR-beta'
2 non-polymer 'benzenesulfonic acid'
3 non-polymer 1,1,1,3,3,3-HEXAFLUORO-2-{4-[(2,2,2-TRIFLUOROETHYL)AMINO]PHENYL}PROPAN-2-OL
4 water water
#
_entity_poly.entity_id   1
_entity_poly.type   'polypeptide(L)'
_entity_poly.pdbx_seq_one_letter_code
;GSHMGEGEGVQLTAAQELMIQQLVAAQLQCNKRSFSDQPKVTPWPLGADPQSRDARQQRFAHFTELAIISVQEIVDFAKQ
VPGFLQLGREDQIALLKASTIEIMLLETARRYNHETECITFLKDFTYSKDDFHRAGLQVEFINPIFEFSRAMRRLGLDDA
EYALLIAINIFSADRPNVQEPGRVEALQQPYVEALLSYTRIKRPQDQLRFPRMLMKLVSLRTLSSVHSEQVFALRLQDKK
LPPLLSEIWDVHE
;
_entity_poly.pdbx_strand_id   A,B,C,D
#
loop_
_chem_comp.id
_chem_comp.type
_chem_comp.name
_chem_comp.formula
44B non-polymer 1,1,1,3,3,3-HEXAFLUORO-2-{4-[(2,2,2-TRIFLUOROETHYL)AMINO]PHENYL}PROPAN-2-OL 'C11 H8 F9 N O'
BNS non-polymer 'benzenesulfonic acid' 'C6 H6 O3 S'
#
# COMPACT_ATOMS: atom_id res chain seq x y z
N LEU A 12 -46.94 -19.35 35.71
CA LEU A 12 -45.89 -20.46 35.73
C LEU A 12 -46.56 -21.76 35.36
N THR A 13 -46.08 -22.45 34.32
CA THR A 13 -46.71 -23.70 33.88
C THR A 13 -46.29 -24.84 34.78
N ALA A 14 -46.98 -25.97 34.61
CA ALA A 14 -46.71 -27.18 35.38
C ALA A 14 -45.29 -27.64 35.17
N ALA A 15 -44.83 -27.57 33.93
CA ALA A 15 -43.47 -27.96 33.58
C ALA A 15 -42.44 -27.01 34.18
N GLN A 16 -42.78 -25.72 34.26
CA GLN A 16 -41.88 -24.75 34.90
C GLN A 16 -41.79 -25.02 36.39
N GLU A 17 -42.90 -25.30 37.04
CA GLU A 17 -42.88 -25.60 38.44
C GLU A 17 -42.04 -26.85 38.70
N LEU A 18 -42.17 -27.86 37.87
CA LEU A 18 -41.41 -29.12 38.01
C LEU A 18 -39.91 -28.89 37.85
N MET A 19 -39.52 -28.08 36.89
CA MET A 19 -38.13 -27.76 36.67
C MET A 19 -37.57 -26.98 37.87
N ILE A 20 -38.26 -25.98 38.34
CA ILE A 20 -37.78 -25.18 39.44
C ILE A 20 -37.70 -26.00 40.73
N GLN A 21 -38.77 -26.72 41.04
CA GLN A 21 -38.83 -27.53 42.23
C GLN A 21 -37.71 -28.56 42.22
N GLN A 22 -37.41 -29.11 41.05
CA GLN A 22 -36.36 -30.13 40.94
C GLN A 22 -35.00 -29.51 41.25
N LEU A 23 -34.73 -28.32 40.74
CA LEU A 23 -33.47 -27.61 40.99
C LEU A 23 -33.29 -27.24 42.45
N VAL A 24 -34.35 -26.77 43.11
CA VAL A 24 -34.29 -26.37 44.52
C VAL A 24 -34.12 -27.60 45.41
N ALA A 25 -34.81 -28.69 45.10
CA ALA A 25 -34.68 -29.91 45.88
C ALA A 25 -33.28 -30.51 45.72
N ALA A 26 -32.75 -30.52 44.52
CA ALA A 26 -31.37 -30.95 44.29
C ALA A 26 -30.31 -30.09 45.02
N GLN A 27 -30.46 -28.76 44.99
CA GLN A 27 -29.60 -27.86 45.77
C GLN A 27 -29.65 -28.15 47.26
N LEU A 28 -30.85 -28.39 47.77
CA LEU A 28 -31.01 -28.74 49.17
C LEU A 28 -30.39 -30.12 49.52
N GLN A 29 -30.62 -31.13 48.67
CA GLN A 29 -30.02 -32.46 48.89
C GLN A 29 -28.50 -32.39 48.81
N CYS A 30 -27.97 -31.65 47.85
CA CYS A 30 -26.51 -31.51 47.69
C CYS A 30 -25.88 -30.84 48.93
N ASN A 31 -26.51 -29.78 49.42
CA ASN A 31 -26.02 -29.16 50.66
C ASN A 31 -26.03 -30.13 51.85
N LYS A 32 -27.09 -30.91 51.98
CA LYS A 32 -27.22 -31.86 53.08
C LYS A 32 -26.14 -32.95 53.01
N ARG A 33 -25.94 -33.45 51.80
CA ARG A 33 -24.97 -34.51 51.51
C ARG A 33 -23.55 -34.05 51.80
N SER A 34 -23.23 -32.83 51.38
CA SER A 34 -21.86 -32.35 51.41
C SER A 34 -21.46 -31.62 52.70
N PHE A 35 -22.44 -31.05 53.41
CA PHE A 35 -22.17 -30.10 54.49
C PHE A 35 -23.07 -30.28 55.70
N SER A 36 -23.42 -31.52 56.03
CA SER A 36 -24.10 -31.81 57.28
C SER A 36 -23.07 -32.30 58.29
N ASP A 37 -22.24 -33.24 57.84
CA ASP A 37 -21.14 -33.77 58.64
C ASP A 37 -19.98 -32.76 58.64
N GLN A 38 -19.08 -32.90 59.63
CA GLN A 38 -17.90 -32.05 59.72
C GLN A 38 -17.03 -32.35 58.51
N PRO A 39 -16.56 -31.32 57.82
CA PRO A 39 -15.77 -31.55 56.61
C PRO A 39 -14.40 -32.11 56.96
N LYS A 40 -13.87 -33.00 56.14
CA LYS A 40 -12.55 -33.59 56.42
C LYS A 40 -11.53 -32.57 55.92
N VAL A 41 -10.98 -31.78 56.84
CA VAL A 41 -10.10 -30.67 56.48
C VAL A 41 -8.97 -30.54 57.48
N THR A 42 -7.81 -30.10 56.99
CA THR A 42 -6.70 -29.72 57.85
C THR A 42 -7.23 -28.77 58.89
N PRO A 43 -7.06 -29.06 60.18
CA PRO A 43 -7.56 -28.17 61.24
C PRO A 43 -7.08 -26.74 61.04
N TRP A 44 -7.97 -25.75 61.12
CA TRP A 44 -7.58 -24.35 61.06
C TRP A 44 -6.77 -23.97 62.32
N PRO A 45 -5.48 -23.64 62.16
CA PRO A 45 -4.60 -23.34 63.31
C PRO A 45 -5.09 -22.19 64.19
N ARG A 53 5.49 -19.42 58.59
CA ARG A 53 5.56 -20.47 57.56
C ARG A 53 4.74 -21.70 57.95
N ASP A 54 4.78 -22.07 59.24
CA ASP A 54 4.13 -23.27 59.75
C ASP A 54 2.65 -23.32 59.38
N ALA A 55 1.93 -22.23 59.67
CA ALA A 55 0.47 -22.16 59.51
C ALA A 55 0.02 -21.44 58.25
N ARG A 56 0.97 -20.99 57.43
CA ARG A 56 0.70 -20.39 56.13
C ARG A 56 0.31 -21.46 55.12
N GLN A 57 1.06 -22.57 55.14
CA GLN A 57 0.78 -23.73 54.30
C GLN A 57 -0.48 -24.45 54.78
N GLN A 58 -0.73 -24.44 56.09
CA GLN A 58 -1.89 -25.15 56.65
C GLN A 58 -3.22 -24.42 56.44
N ARG A 59 -3.23 -23.09 56.46
CA ARG A 59 -4.46 -22.35 56.19
C ARG A 59 -4.80 -22.38 54.70
N PHE A 60 -3.77 -22.45 53.86
CA PHE A 60 -3.95 -22.61 52.42
C PHE A 60 -4.57 -23.96 52.12
N ALA A 61 -3.95 -25.01 52.67
CA ALA A 61 -4.44 -26.39 52.52
C ALA A 61 -5.90 -26.46 52.87
N HIS A 62 -6.24 -25.91 54.03
CA HIS A 62 -7.61 -25.82 54.54
C HIS A 62 -8.55 -25.28 53.49
N PHE A 63 -8.17 -24.13 52.90
CA PHE A 63 -8.99 -23.50 51.89
C PHE A 63 -9.16 -24.41 50.68
N THR A 64 -8.06 -25.02 50.31
CA THR A 64 -7.98 -25.95 49.19
C THR A 64 -8.89 -27.19 49.39
N GLU A 65 -8.97 -27.67 50.63
CA GLU A 65 -9.79 -28.85 50.94
C GLU A 65 -11.28 -28.46 50.94
N LEU A 66 -11.60 -27.25 51.42
CA LEU A 66 -12.95 -26.66 51.26
C LEU A 66 -13.38 -26.54 49.82
N ALA A 67 -12.48 -26.05 48.99
CA ALA A 67 -12.77 -25.91 47.57
C ALA A 67 -13.10 -27.26 46.90
N ILE A 68 -12.36 -28.29 47.28
CA ILE A 68 -12.52 -29.61 46.72
C ILE A 68 -13.91 -30.12 47.13
N ILE A 69 -14.29 -29.92 48.39
CA ILE A 69 -15.61 -30.31 48.85
C ILE A 69 -16.68 -29.58 48.08
N SER A 70 -16.49 -28.28 47.75
CA SER A 70 -17.50 -27.53 46.96
C SER A 70 -17.54 -28.00 45.53
N VAL A 71 -16.39 -28.29 44.96
CA VAL A 71 -16.34 -28.81 43.60
C VAL A 71 -17.15 -30.09 43.49
N GLN A 72 -16.98 -30.98 44.46
CA GLN A 72 -17.73 -32.23 44.52
C GLN A 72 -19.24 -31.95 44.58
N GLU A 73 -19.66 -31.07 45.48
CA GLU A 73 -21.05 -30.65 45.56
C GLU A 73 -21.61 -30.12 44.22
N ILE A 74 -20.80 -29.34 43.52
CA ILE A 74 -21.24 -28.67 42.31
C ILE A 74 -21.42 -29.71 41.21
N VAL A 75 -20.49 -30.65 41.12
CA VAL A 75 -20.56 -31.74 40.15
C VAL A 75 -21.82 -32.60 40.44
N ASP A 76 -22.07 -32.89 41.71
CA ASP A 76 -23.27 -33.62 42.12
C ASP A 76 -24.54 -32.88 41.68
N PHE A 77 -24.56 -31.58 41.87
CA PHE A 77 -25.70 -30.76 41.48
C PHE A 77 -25.89 -30.74 39.95
N ALA A 78 -24.79 -30.53 39.21
CA ALA A 78 -24.83 -30.43 37.77
C ALA A 78 -25.44 -31.65 37.15
N LYS A 79 -25.07 -32.81 37.70
CA LYS A 79 -25.56 -34.08 37.25
C LYS A 79 -27.07 -34.21 37.33
N GLN A 80 -27.68 -33.48 38.26
CA GLN A 80 -29.14 -33.52 38.46
C GLN A 80 -29.89 -32.42 37.74
N VAL A 81 -29.19 -31.56 37.04
CA VAL A 81 -29.84 -30.50 36.24
C VAL A 81 -30.37 -31.11 34.94
N PRO A 82 -31.69 -31.11 34.74
CA PRO A 82 -32.22 -31.68 33.50
C PRO A 82 -31.57 -31.11 32.28
N GLY A 83 -31.13 -32.04 31.42
CA GLY A 83 -30.45 -31.73 30.17
C GLY A 83 -28.92 -31.89 30.22
N PHE A 84 -28.33 -31.90 31.42
CA PHE A 84 -26.87 -31.96 31.53
C PHE A 84 -26.33 -33.35 31.12
N LEU A 85 -26.75 -34.40 31.84
CA LEU A 85 -26.18 -35.75 31.65
C LEU A 85 -26.52 -36.36 30.29
N GLN A 86 -27.33 -35.64 29.52
CA GLN A 86 -27.63 -35.98 28.13
C GLN A 86 -26.78 -35.24 27.07
N LEU A 87 -26.02 -34.20 27.47
CA LEU A 87 -24.95 -33.68 26.61
C LEU A 87 -23.88 -34.75 26.43
N GLY A 88 -23.10 -34.65 25.34
CA GLY A 88 -21.91 -35.45 25.15
C GLY A 88 -20.96 -35.25 26.32
N ARG A 89 -20.22 -36.31 26.68
CA ARG A 89 -19.37 -36.29 27.87
C ARG A 89 -18.32 -35.17 27.89
N GLU A 90 -17.73 -34.88 26.73
CA GLU A 90 -16.70 -33.83 26.61
C GLU A 90 -17.32 -32.45 26.84
N ASP A 91 -18.53 -32.24 26.35
CA ASP A 91 -19.25 -31.00 26.65
C ASP A 91 -19.60 -30.88 28.10
N GLN A 92 -20.01 -31.96 28.73
CA GLN A 92 -20.24 -31.93 30.18
C GLN A 92 -18.99 -31.46 30.92
N ILE A 93 -17.87 -32.10 30.62
CA ILE A 93 -16.61 -31.73 31.26
C ILE A 93 -16.22 -30.27 30.96
N ALA A 94 -16.31 -29.87 29.69
CA ALA A 94 -15.96 -28.50 29.28
C ALA A 94 -16.85 -27.45 29.98
N LEU A 95 -18.14 -27.72 30.08
CA LEU A 95 -19.07 -26.79 30.74
C LEU A 95 -18.78 -26.67 32.24
N LEU A 96 -18.59 -27.81 32.90
CA LEU A 96 -18.24 -27.82 34.33
C LEU A 96 -16.89 -27.24 34.62
N LYS A 97 -15.93 -27.47 33.76
CA LYS A 97 -14.61 -26.92 33.98
C LYS A 97 -14.67 -25.39 34.08
N ALA A 98 -15.39 -24.75 33.15
CA ALA A 98 -15.46 -23.29 33.10
C ALA A 98 -16.37 -22.74 34.18
N SER A 99 -17.44 -23.45 34.49
CA SER A 99 -18.50 -22.97 35.38
C SER A 99 -18.13 -23.06 36.84
N THR A 100 -17.31 -24.05 37.20
CA THR A 100 -17.04 -24.37 38.59
C THR A 100 -16.70 -23.19 39.47
N ILE A 101 -15.69 -22.40 39.11
CA ILE A 101 -15.31 -21.26 39.95
C ILE A 101 -16.43 -20.23 40.03
N GLU A 102 -17.21 -20.10 38.94
CA GLU A 102 -18.30 -19.13 38.87
C GLU A 102 -19.44 -19.60 39.78
N ILE A 103 -19.68 -20.89 39.83
CA ILE A 103 -20.72 -21.40 40.72
C ILE A 103 -20.29 -21.25 42.15
N MET A 104 -19.01 -21.47 42.41
CA MET A 104 -18.45 -21.24 43.73
C MET A 104 -18.59 -19.81 44.21
N LEU A 105 -18.45 -18.87 43.28
CA LEU A 105 -18.63 -17.46 43.63
C LEU A 105 -20.07 -17.14 43.98
N LEU A 106 -21.01 -17.65 43.20
CA LEU A 106 -22.43 -17.58 43.54
C LEU A 106 -22.77 -18.14 44.92
N GLU A 107 -22.27 -19.34 45.22
CA GLU A 107 -22.53 -20.05 46.46
C GLU A 107 -21.91 -19.34 47.64
N THR A 108 -20.72 -18.81 47.46
CA THR A 108 -20.07 -17.97 48.43
C THR A 108 -20.95 -16.75 48.76
N ALA A 109 -21.55 -16.18 47.73
CA ALA A 109 -22.47 -15.05 47.93
C ALA A 109 -23.73 -15.53 48.68
N ARG A 110 -24.20 -16.73 48.38
CA ARG A 110 -25.32 -17.35 49.09
C ARG A 110 -24.96 -17.47 50.58
N ARG A 111 -23.78 -18.04 50.84
CA ARG A 111 -23.29 -18.29 52.21
C ARG A 111 -22.81 -17.03 52.91
N TYR A 112 -22.98 -15.88 52.28
CA TYR A 112 -22.53 -14.61 52.85
C TYR A 112 -23.51 -14.08 53.91
N ASN A 113 -22.97 -13.45 54.93
CA ASN A 113 -23.77 -12.95 56.03
C ASN A 113 -23.29 -11.53 56.26
N HIS A 114 -24.05 -10.56 55.75
CA HIS A 114 -23.67 -9.14 55.79
C HIS A 114 -23.46 -8.60 57.21
N GLU A 115 -24.17 -9.18 58.17
CA GLU A 115 -24.00 -8.82 59.57
C GLU A 115 -22.55 -9.07 60.01
N THR A 116 -22.05 -10.29 59.79
CA THR A 116 -20.72 -10.72 60.24
C THR A 116 -19.56 -10.49 59.25
N GLU A 117 -19.90 -10.24 57.97
CA GLU A 117 -18.93 -10.08 56.89
C GLU A 117 -18.11 -11.36 56.60
N CYS A 118 -18.74 -12.52 56.84
CA CYS A 118 -18.07 -13.82 56.67
C CYS A 118 -18.88 -14.79 55.81
N ILE A 119 -18.27 -15.92 55.48
CA ILE A 119 -18.87 -16.92 54.61
C ILE A 119 -19.07 -18.24 55.39
N THR A 120 -20.32 -18.63 55.63
CA THR A 120 -20.64 -19.77 56.48
C THR A 120 -21.04 -21.02 55.70
N PHE A 121 -20.19 -22.06 55.80
CA PHE A 121 -20.44 -23.37 55.20
C PHE A 121 -21.40 -24.21 56.05
N LEU A 122 -21.09 -24.31 57.33
CA LEU A 122 -22.02 -24.81 58.33
C LEU A 122 -21.65 -24.17 59.67
N LYS A 123 -22.26 -24.61 60.76
CA LYS A 123 -21.92 -24.06 62.09
C LYS A 123 -20.43 -24.27 62.38
N ASP A 124 -19.78 -23.23 62.89
CA ASP A 124 -18.36 -23.26 63.29
C ASP A 124 -17.33 -23.26 62.14
N PHE A 125 -17.79 -23.09 60.90
CA PHE A 125 -16.88 -22.92 59.77
C PHE A 125 -17.23 -21.64 59.00
N THR A 126 -16.64 -20.53 59.44
CA THR A 126 -16.82 -19.22 58.82
C THR A 126 -15.48 -18.53 58.54
N TYR A 127 -15.48 -17.66 57.54
CA TYR A 127 -14.25 -17.11 56.98
C TYR A 127 -14.43 -15.64 56.62
N SER A 128 -13.51 -14.81 57.11
CA SER A 128 -13.52 -13.38 56.90
C SER A 128 -12.38 -12.97 55.96
N LYS A 129 -12.33 -11.69 55.60
CA LYS A 129 -11.34 -11.17 54.67
C LYS A 129 -9.93 -11.44 55.17
N ASP A 130 -9.74 -11.34 56.49
CA ASP A 130 -8.44 -11.61 57.12
C ASP A 130 -8.07 -13.08 56.97
N ASP A 131 -9.00 -13.96 57.33
CA ASP A 131 -8.79 -15.41 57.13
C ASP A 131 -8.29 -15.75 55.69
N PHE A 132 -8.84 -15.08 54.68
CA PHE A 132 -8.43 -15.30 53.29
C PHE A 132 -6.97 -14.90 53.05
N HIS A 133 -6.57 -13.74 53.59
CA HIS A 133 -5.19 -13.25 53.47
C HIS A 133 -4.19 -14.22 54.07
N ARG A 134 -4.56 -14.82 55.21
CA ARG A 134 -3.71 -15.76 55.94
C ARG A 134 -3.49 -17.07 55.19
N ALA A 135 -4.41 -17.40 54.30
CA ALA A 135 -4.31 -18.58 53.44
C ALA A 135 -3.38 -18.36 52.24
N GLY A 136 -2.73 -17.20 52.18
CA GLY A 136 -1.81 -16.89 51.10
C GLY A 136 -2.38 -16.04 49.98
N LEU A 137 -3.68 -15.77 50.01
CA LEU A 137 -4.39 -15.13 48.89
C LEU A 137 -4.14 -13.62 48.76
N GLN A 138 -3.86 -13.20 47.53
CA GLN A 138 -3.74 -11.80 47.11
C GLN A 138 -4.88 -10.85 47.50
N VAL A 139 -4.58 -9.55 47.45
CA VAL A 139 -5.57 -8.48 47.61
C VAL A 139 -6.47 -8.40 46.36
N GLU A 140 -5.87 -8.70 45.22
CA GLU A 140 -6.52 -8.62 43.92
C GLU A 140 -7.68 -9.60 43.76
N PHE A 141 -7.61 -10.75 44.45
CA PHE A 141 -8.67 -11.76 44.47
C PHE A 141 -9.68 -11.52 45.61
N ILE A 142 -9.20 -11.27 46.83
CA ILE A 142 -10.10 -11.20 47.99
C ILE A 142 -11.18 -10.11 47.87
N ASN A 143 -10.79 -8.90 47.51
CA ASN A 143 -11.72 -7.76 47.55
C ASN A 143 -12.88 -7.86 46.54
N PRO A 144 -12.61 -8.14 45.26
CA PRO A 144 -13.70 -8.52 44.33
C PRO A 144 -14.66 -9.63 44.86
N ILE A 145 -14.13 -10.70 45.46
CA ILE A 145 -14.97 -11.78 46.02
C ILE A 145 -15.99 -11.18 46.98
N PHE A 146 -15.50 -10.38 47.92
CA PHE A 146 -16.35 -9.82 48.97
C PHE A 146 -17.32 -8.70 48.52
N GLU A 147 -16.88 -7.89 47.55
CA GLU A 147 -17.77 -6.91 46.92
C GLU A 147 -18.86 -7.62 46.10
N PHE A 148 -18.48 -8.63 45.34
CA PHE A 148 -19.46 -9.38 44.57
C PHE A 148 -20.49 -10.04 45.51
N SER A 149 -20.04 -10.59 46.64
CA SER A 149 -20.96 -11.24 47.59
C SER A 149 -21.99 -10.25 48.13
N ARG A 150 -21.54 -9.07 48.51
CA ARG A 150 -22.48 -8.12 49.10
C ARG A 150 -23.41 -7.49 48.05
N ALA A 151 -22.95 -7.41 46.81
CA ALA A 151 -23.81 -6.96 45.72
C ALA A 151 -24.91 -8.00 45.47
N MET A 152 -24.54 -9.29 45.54
CA MET A 152 -25.51 -10.36 45.36
C MET A 152 -26.62 -10.29 46.41
N ARG A 153 -26.26 -9.91 47.65
CA ARG A 153 -27.23 -9.80 48.74
C ARG A 153 -28.22 -8.66 48.55
N ARG A 154 -27.82 -7.57 47.90
CA ARG A 154 -28.72 -6.45 47.71
C ARG A 154 -29.79 -6.81 46.70
N LEU A 155 -29.49 -7.78 45.84
CA LEU A 155 -30.48 -8.37 44.94
C LEU A 155 -31.46 -9.27 45.67
N GLY A 156 -31.02 -9.88 46.77
CA GLY A 156 -31.92 -10.67 47.63
C GLY A 156 -32.54 -11.86 46.89
N LEU A 157 -31.69 -12.64 46.25
CA LEU A 157 -32.15 -13.79 45.48
C LEU A 157 -32.64 -14.82 46.46
N ASP A 158 -33.74 -15.50 46.13
CA ASP A 158 -34.18 -16.63 46.92
C ASP A 158 -33.60 -17.87 46.27
N ASP A 159 -33.85 -19.02 46.90
CA ASP A 159 -33.30 -20.29 46.48
C ASP A 159 -33.66 -20.71 45.05
N ALA A 160 -34.88 -20.46 44.59
CA ALA A 160 -35.24 -20.76 43.19
C ALA A 160 -34.42 -19.90 42.21
N GLU A 161 -34.27 -18.61 42.53
CA GLU A 161 -33.52 -17.71 41.65
C GLU A 161 -32.05 -18.12 41.56
N TYR A 162 -31.40 -18.41 42.68
CA TYR A 162 -30.01 -18.89 42.68
C TYR A 162 -29.90 -20.17 41.87
N ALA A 163 -30.83 -21.10 42.06
CA ALA A 163 -30.73 -22.41 41.42
C ALA A 163 -30.87 -22.26 39.92
N LEU A 164 -31.85 -21.45 39.49
CA LEU A 164 -32.03 -21.19 38.07
C LEU A 164 -30.79 -20.50 37.49
N LEU A 165 -30.21 -19.54 38.23
CA LEU A 165 -29.04 -18.81 37.75
C LEU A 165 -27.89 -19.77 37.58
N ILE A 166 -27.77 -20.75 38.47
CA ILE A 166 -26.71 -21.71 38.31
C ILE A 166 -26.93 -22.53 37.03
N ALA A 167 -28.15 -22.98 36.79
CA ALA A 167 -28.40 -23.77 35.60
C ALA A 167 -28.07 -23.00 34.33
N ILE A 168 -28.45 -21.74 34.30
CA ILE A 168 -28.16 -20.85 33.17
C ILE A 168 -26.65 -20.72 32.96
N ASN A 169 -25.94 -20.52 34.05
CA ASN A 169 -24.48 -20.44 34.04
C ASN A 169 -23.85 -21.69 33.46
N ILE A 170 -24.36 -22.86 33.82
CA ILE A 170 -23.80 -24.12 33.31
C ILE A 170 -23.96 -24.22 31.80
N PHE A 171 -25.14 -23.88 31.30
CA PHE A 171 -25.44 -24.00 29.87
C PHE A 171 -25.05 -22.73 29.11
N SER A 172 -23.79 -22.34 29.25
CA SER A 172 -23.23 -21.24 28.49
C SER A 172 -22.50 -21.78 27.26
N ALA A 173 -23.00 -21.48 26.07
CA ALA A 173 -22.54 -22.14 24.84
C ALA A 173 -21.17 -21.61 24.34
N ASP A 174 -20.69 -20.51 24.92
CA ASP A 174 -19.40 -19.93 24.59
C ASP A 174 -18.17 -20.33 25.48
N ARG A 175 -18.25 -21.45 26.17
CA ARG A 175 -17.12 -21.97 26.91
C ARG A 175 -16.12 -22.60 25.95
N PRO A 176 -14.83 -22.55 26.29
CA PRO A 176 -13.79 -23.20 25.49
C PRO A 176 -14.05 -24.69 25.32
N ASN A 177 -13.80 -25.18 24.13
CA ASN A 177 -13.82 -26.62 23.83
C ASN A 177 -15.22 -27.27 23.76
N VAL A 178 -16.27 -26.45 23.76
CA VAL A 178 -17.63 -26.95 23.51
C VAL A 178 -17.83 -27.34 22.02
N GLN A 179 -18.03 -28.64 21.78
CA GLN A 179 -18.21 -29.21 20.45
C GLN A 179 -19.63 -28.99 19.92
N GLU A 180 -20.62 -28.87 20.81
CA GLU A 180 -22.03 -28.69 20.41
C GLU A 180 -22.68 -27.46 21.04
N PRO A 181 -22.26 -26.27 20.61
CA PRO A 181 -22.77 -25.02 21.18
C PRO A 181 -24.26 -24.74 20.86
N GLY A 182 -24.72 -25.17 19.69
CA GLY A 182 -26.14 -25.09 19.36
C GLY A 182 -27.02 -25.83 20.37
N ARG A 183 -26.56 -27.00 20.83
CA ARG A 183 -27.35 -27.79 21.77
C ARG A 183 -27.33 -27.16 23.16
N VAL A 184 -26.15 -26.67 23.57
CA VAL A 184 -26.00 -26.01 24.85
C VAL A 184 -26.92 -24.80 24.92
N GLU A 185 -26.93 -23.96 23.88
CA GLU A 185 -27.77 -22.75 23.89
C GLU A 185 -29.26 -23.11 23.97
N ALA A 186 -29.70 -24.16 23.26
CA ALA A 186 -31.11 -24.61 23.35
C ALA A 186 -31.44 -25.10 24.74
N LEU A 187 -30.48 -25.74 25.42
CA LEU A 187 -30.70 -26.20 26.80
C LEU A 187 -30.82 -25.04 27.80
N GLN A 188 -30.14 -23.92 27.52
CA GLN A 188 -30.17 -22.74 28.38
C GLN A 188 -31.51 -22.01 28.35
N GLN A 189 -32.10 -21.92 27.15
CA GLN A 189 -33.33 -21.16 26.94
C GLN A 189 -34.47 -21.45 27.94
N PRO A 190 -34.85 -22.70 28.15
CA PRO A 190 -35.93 -22.98 29.10
C PRO A 190 -35.67 -22.45 30.50
N TYR A 191 -34.43 -22.52 30.98
CA TYR A 191 -34.06 -21.95 32.27
C TYR A 191 -34.14 -20.42 32.33
N VAL A 192 -33.68 -19.77 31.27
CA VAL A 192 -33.82 -18.34 31.14
C VAL A 192 -35.32 -17.95 31.18
N GLU A 193 -36.12 -18.66 30.38
CA GLU A 193 -37.58 -18.46 30.34
C GLU A 193 -38.20 -18.68 31.72
N ALA A 194 -37.77 -19.70 32.43
CA ALA A 194 -38.32 -19.95 33.78
C ALA A 194 -37.96 -18.83 34.75
N LEU A 195 -36.73 -18.31 34.63
CA LEU A 195 -36.29 -17.25 35.54
C LEU A 195 -37.06 -15.98 35.21
N LEU A 196 -37.21 -15.69 33.92
CA LEU A 196 -37.94 -14.51 33.47
C LEU A 196 -39.35 -14.57 34.05
N SER A 197 -40.05 -15.69 33.87
CA SER A 197 -41.39 -15.86 34.42
C SER A 197 -41.43 -15.75 35.94
N TYR A 198 -40.49 -16.40 36.60
CA TYR A 198 -40.46 -16.46 38.06
C TYR A 198 -40.35 -15.06 38.63
N THR A 199 -39.41 -14.28 38.10
CA THR A 199 -39.19 -12.90 38.56
C THR A 199 -40.35 -11.97 38.20
N ARG A 200 -41.01 -12.22 37.09
CA ARG A 200 -42.22 -11.44 36.72
C ARG A 200 -43.33 -11.61 37.76
N ILE A 201 -43.51 -12.86 38.21
CA ILE A 201 -44.52 -13.21 39.21
C ILE A 201 -44.14 -12.75 40.63
N LYS A 202 -42.89 -12.98 41.04
CA LYS A 202 -42.41 -12.59 42.37
C LYS A 202 -42.46 -11.07 42.57
N ARG A 203 -41.79 -10.37 41.67
CA ARG A 203 -41.66 -8.93 41.75
C ARG A 203 -42.16 -8.31 40.43
N PRO A 204 -43.48 -8.24 40.26
CA PRO A 204 -44.07 -7.72 39.01
C PRO A 204 -43.78 -6.26 38.71
N GLN A 205 -43.47 -5.46 39.74
CA GLN A 205 -43.21 -4.03 39.58
C GLN A 205 -41.72 -3.70 39.78
N ASP A 206 -40.88 -4.63 39.32
CA ASP A 206 -39.43 -4.55 39.45
C ASP A 206 -38.82 -5.16 38.17
N GLN A 207 -38.85 -4.38 37.09
CA GLN A 207 -38.47 -4.83 35.75
C GLN A 207 -36.97 -5.02 35.57
N LEU A 208 -36.17 -4.41 36.44
CA LEU A 208 -34.72 -4.49 36.33
C LEU A 208 -34.11 -5.60 37.17
N ARG A 209 -34.90 -6.25 38.04
CA ARG A 209 -34.41 -7.37 38.83
C ARG A 209 -33.75 -8.44 37.94
N PHE A 210 -34.47 -8.88 36.94
CA PHE A 210 -34.02 -9.94 36.07
C PHE A 210 -32.75 -9.56 35.27
N PRO A 211 -32.75 -8.40 34.59
CA PRO A 211 -31.54 -7.92 33.95
C PRO A 211 -30.37 -7.86 34.93
N ARG A 212 -30.63 -7.46 36.17
CA ARG A 212 -29.56 -7.26 37.15
C ARG A 212 -28.93 -8.58 37.44
N MET A 213 -29.75 -9.64 37.46
CA MET A 213 -29.23 -10.99 37.67
C MET A 213 -28.35 -11.46 36.53
N LEU A 214 -28.82 -11.24 35.31
CA LEU A 214 -28.01 -11.64 34.16
C LEU A 214 -26.71 -10.87 34.12
N MET A 215 -26.71 -9.62 34.55
CA MET A 215 -25.50 -8.81 34.55
C MET A 215 -24.42 -9.34 35.48
N LYS A 216 -24.83 -10.07 36.51
CA LYS A 216 -23.90 -10.69 37.45
C LYS A 216 -23.17 -11.85 36.79
N LEU A 217 -23.81 -12.52 35.84
CA LEU A 217 -23.08 -13.46 34.98
C LEU A 217 -21.92 -12.82 34.27
N VAL A 218 -22.06 -11.57 33.85
CA VAL A 218 -20.94 -10.84 33.22
C VAL A 218 -19.78 -10.76 34.19
N SER A 219 -20.09 -10.29 35.41
CA SER A 219 -19.09 -10.05 36.44
C SER A 219 -18.39 -11.37 36.73
N LEU A 220 -19.14 -12.46 36.73
CA LEU A 220 -18.56 -13.77 37.05
C LEU A 220 -17.47 -14.19 36.07
N ARG A 221 -17.56 -13.79 34.80
CA ARG A 221 -16.49 -14.06 33.83
C ARG A 221 -15.22 -13.37 34.19
N THR A 222 -15.32 -12.11 34.54
CA THR A 222 -14.16 -11.43 35.01
C THR A 222 -13.56 -12.08 36.28
N LEU A 223 -14.42 -12.47 37.20
CA LEU A 223 -13.97 -13.05 38.47
C LEU A 223 -13.22 -14.34 38.23
N SER A 224 -13.64 -15.13 37.25
CA SER A 224 -12.92 -16.31 36.81
C SER A 224 -11.50 -16.08 36.37
N SER A 225 -11.28 -15.02 35.59
CA SER A 225 -9.94 -14.60 35.18
C SER A 225 -9.12 -14.15 36.37
N VAL A 226 -9.69 -13.32 37.22
CA VAL A 226 -9.02 -12.90 38.45
C VAL A 226 -8.70 -14.12 39.34
N HIS A 227 -9.52 -15.17 39.31
CA HIS A 227 -9.21 -16.41 40.06
C HIS A 227 -7.98 -17.09 39.45
N SER A 228 -7.96 -17.23 38.12
CA SER A 228 -6.82 -17.86 37.42
C SER A 228 -5.49 -17.19 37.68
N GLU A 229 -5.55 -15.88 37.91
CA GLU A 229 -4.38 -15.08 38.26
C GLU A 229 -3.89 -15.37 39.67
N GLN A 230 -4.83 -15.66 40.57
CA GLN A 230 -4.49 -16.08 41.92
C GLN A 230 -3.76 -17.42 41.90
N VAL A 231 -4.22 -18.35 41.07
CA VAL A 231 -3.61 -19.69 40.97
C VAL A 231 -2.18 -19.61 40.44
N PHE A 232 -1.98 -18.78 39.42
CA PHE A 232 -0.69 -18.58 38.78
C PHE A 232 0.26 -17.87 39.76
N ALA A 233 -0.29 -16.95 40.54
CA ALA A 233 0.47 -16.22 41.56
C ALA A 233 0.89 -17.09 42.73
N LEU A 234 0.07 -18.10 43.02
CA LEU A 234 0.31 -19.00 44.14
C LEU A 234 1.45 -19.92 43.79
N ARG A 235 1.47 -20.37 42.53
CA ARG A 235 2.57 -21.19 42.03
C ARG A 235 3.92 -20.52 42.24
N LEU A 236 3.93 -19.19 42.21
CA LEU A 236 5.15 -18.40 42.46
C LEU A 236 5.69 -18.51 43.90
N GLN A 237 4.81 -18.80 44.86
CA GLN A 237 5.18 -19.04 46.26
C GLN A 237 5.28 -20.53 46.59
N ASP A 238 5.67 -21.33 45.59
CA ASP A 238 5.59 -22.80 45.60
C ASP A 238 4.32 -23.38 46.26
N LYS A 239 3.17 -22.75 45.99
CA LYS A 239 1.88 -23.23 46.48
C LYS A 239 1.05 -23.79 45.32
N LYS A 240 1.27 -25.07 45.01
CA LYS A 240 0.61 -25.75 43.90
C LYS A 240 -0.79 -26.25 44.31
N LEU A 241 -1.72 -26.22 43.36
CA LEU A 241 -3.02 -26.85 43.55
C LEU A 241 -2.85 -28.37 43.69
N PRO A 242 -3.59 -29.00 44.59
CA PRO A 242 -3.55 -30.45 44.71
C PRO A 242 -4.32 -31.10 43.54
N PRO A 243 -4.15 -32.39 43.32
CA PRO A 243 -4.60 -33.06 42.09
C PRO A 243 -6.06 -32.79 41.71
N LEU A 244 -6.97 -32.84 42.67
CA LEU A 244 -8.40 -32.74 42.33
C LEU A 244 -8.77 -31.35 41.80
N LEU A 245 -8.02 -30.31 42.18
CA LEU A 245 -8.23 -28.96 41.66
C LEU A 245 -7.34 -28.65 40.48
N SER A 246 -6.21 -29.36 40.36
CA SER A 246 -5.28 -29.14 39.25
C SER A 246 -5.92 -29.57 37.92
N GLU A 247 -6.59 -30.72 37.92
CA GLU A 247 -7.39 -31.18 36.78
C GLU A 247 -8.25 -30.04 36.19
N ILE A 248 -8.82 -29.21 37.08
CA ILE A 248 -9.77 -28.15 36.69
C ILE A 248 -9.08 -26.84 36.32
N TRP A 249 -8.07 -26.38 37.07
CA TRP A 249 -7.64 -24.97 37.02
C TRP A 249 -6.20 -24.57 36.58
N ASP A 250 -5.22 -25.46 36.58
CA ASP A 250 -3.89 -24.98 36.15
C ASP A 250 -3.37 -25.74 34.93
N GLN B 11 -44.38 3.65 25.36
CA GLN B 11 -43.57 4.33 24.30
C GLN B 11 -42.27 4.89 24.89
N LEU B 12 -41.21 4.92 24.09
CA LEU B 12 -39.98 5.60 24.47
C LEU B 12 -40.33 7.02 24.77
N THR B 13 -39.84 7.51 25.90
CA THR B 13 -39.96 8.92 26.23
C THR B 13 -39.07 9.76 25.30
N ALA B 14 -39.28 11.05 25.28
CA ALA B 14 -38.43 11.95 24.50
C ALA B 14 -36.95 11.75 24.90
N ALA B 15 -36.68 11.60 26.18
CA ALA B 15 -35.32 11.52 26.65
C ALA B 15 -34.63 10.26 26.14
N GLN B 16 -35.37 9.14 26.08
CA GLN B 16 -34.83 7.89 25.58
C GLN B 16 -34.60 8.01 24.07
N GLU B 17 -35.50 8.63 23.35
CA GLU B 17 -35.27 8.83 21.93
C GLU B 17 -34.04 9.69 21.68
N LEU B 18 -33.82 10.72 22.51
CA LEU B 18 -32.71 11.63 22.30
C LEU B 18 -31.39 10.93 22.68
N MET B 19 -31.42 10.11 23.74
CA MET B 19 -30.21 9.44 24.19
C MET B 19 -29.73 8.52 23.08
N ILE B 20 -30.66 7.81 22.44
CA ILE B 20 -30.33 6.96 21.29
C ILE B 20 -29.86 7.76 20.08
N GLN B 21 -30.62 8.78 19.69
CA GLN B 21 -30.20 9.64 18.60
C GLN B 21 -28.81 10.26 18.84
N GLN B 22 -28.52 10.62 20.06
CA GLN B 22 -27.22 11.21 20.45
C GLN B 22 -26.09 10.24 20.18
N LEU B 23 -26.30 9.00 20.60
CA LEU B 23 -25.29 7.96 20.48
C LEU B 23 -25.09 7.58 19.03
N VAL B 24 -26.19 7.41 18.29
CA VAL B 24 -26.17 7.03 16.89
C VAL B 24 -25.44 8.11 16.06
N ALA B 25 -25.63 9.39 16.38
CA ALA B 25 -24.95 10.49 15.66
C ALA B 25 -23.47 10.71 16.10
N ALA B 26 -23.14 10.37 17.34
CA ALA B 26 -21.75 10.44 17.79
C ALA B 26 -20.98 9.36 17.06
N GLN B 27 -21.59 8.19 16.97
CA GLN B 27 -21.08 7.07 16.20
C GLN B 27 -20.60 7.59 14.83
N LEU B 28 -21.50 8.25 14.10
CA LEU B 28 -21.19 8.80 12.77
C LEU B 28 -20.06 9.81 12.74
N GLN B 29 -20.07 10.82 13.61
CA GLN B 29 -19.01 11.82 13.60
C GLN B 29 -17.64 11.20 13.95
N CYS B 30 -17.65 10.16 14.78
CA CYS B 30 -16.44 9.40 15.14
C CYS B 30 -15.94 8.53 14.01
N ASN B 31 -16.88 7.93 13.26
CA ASN B 31 -16.59 7.10 12.09
C ASN B 31 -16.01 7.89 10.90
N LYS B 32 -15.95 9.22 11.02
CA LYS B 32 -15.30 10.07 10.00
C LYS B 32 -13.79 9.83 9.90
N ARG B 33 -13.15 9.58 11.04
CA ARG B 33 -11.75 9.12 11.11
C ARG B 33 -11.48 7.81 10.34
N SER B 34 -12.50 6.96 10.17
CA SER B 34 -12.36 5.70 9.44
C SER B 34 -12.19 5.89 7.92
N PHE B 35 -13.01 6.73 7.29
CA PHE B 35 -12.87 6.95 5.85
C PHE B 35 -11.62 7.78 5.50
N SER B 36 -11.26 8.73 6.36
CA SER B 36 -10.11 9.61 6.09
C SER B 36 -8.73 8.96 6.36
N ASP B 37 -8.68 7.94 7.22
CA ASP B 37 -7.43 7.20 7.50
C ASP B 37 -7.29 5.91 6.67
N GLN B 38 -8.29 5.61 5.84
CA GLN B 38 -8.30 4.38 5.03
C GLN B 38 -7.11 4.24 4.05
N PRO B 39 -6.82 5.25 3.22
CA PRO B 39 -5.65 5.18 2.33
C PRO B 39 -4.29 5.41 3.02
N LYS B 40 -4.29 5.89 4.27
CA LYS B 40 -3.03 6.06 5.02
C LYS B 40 -2.48 4.73 5.54
N VAL B 41 -3.35 3.74 5.68
CA VAL B 41 -2.99 2.44 6.24
C VAL B 41 -2.09 1.63 5.30
N THR B 42 -1.07 0.99 5.89
CA THR B 42 -0.31 -0.10 5.26
C THR B 42 -1.26 -1.02 4.50
N PRO B 43 -1.17 -1.05 3.19
CA PRO B 43 -2.12 -1.85 2.41
C PRO B 43 -2.01 -3.34 2.74
N TRP B 44 -3.13 -4.06 2.76
CA TRP B 44 -3.09 -5.53 2.64
C TRP B 44 -2.18 -5.89 1.44
N PRO B 45 -1.24 -6.84 1.59
CA PRO B 45 -0.31 -7.22 0.52
C PRO B 45 -0.96 -8.14 -0.52
N LEU B 46 -0.99 -7.69 -1.77
CA LEU B 46 -1.40 -8.56 -2.86
C LEU B 46 -0.13 -9.27 -3.34
N GLY B 47 -0.34 -10.47 -3.94
CA GLY B 47 0.68 -11.14 -4.76
C GLY B 47 1.72 -12.00 -4.05
N ALA B 48 1.49 -12.33 -2.76
CA ALA B 48 2.56 -12.96 -1.94
C ALA B 48 2.66 -14.49 -1.99
N ASP B 49 3.94 -14.97 -2.13
CA ASP B 49 4.31 -16.39 -1.98
C ASP B 49 4.01 -16.82 -0.51
N PRO B 50 4.58 -17.94 -0.01
CA PRO B 50 4.36 -18.34 1.40
C PRO B 50 4.43 -17.20 2.45
N ARG B 53 8.83 -14.40 5.05
CA ARG B 53 7.72 -14.10 5.95
C ARG B 53 7.35 -12.58 5.99
N ASP B 54 7.90 -11.85 5.02
CA ASP B 54 7.53 -10.48 4.65
C ASP B 54 6.02 -10.18 4.72
N ALA B 55 5.23 -10.88 3.91
CA ALA B 55 3.80 -10.60 3.78
C ALA B 55 3.03 -10.87 5.07
N ARG B 56 3.48 -11.89 5.82
CA ARG B 56 2.93 -12.16 7.15
C ARG B 56 2.97 -10.91 8.04
N GLN B 57 4.12 -10.25 8.07
CA GLN B 57 4.36 -9.04 8.86
C GLN B 57 3.54 -7.86 8.35
N GLN B 58 3.43 -7.69 7.03
CA GLN B 58 2.63 -6.57 6.47
C GLN B 58 1.14 -6.72 6.84
N ARG B 59 0.63 -7.94 6.78
CA ARG B 59 -0.77 -8.22 7.18
C ARG B 59 -1.03 -7.90 8.63
N PHE B 60 -0.11 -8.32 9.50
CA PHE B 60 -0.18 -7.99 10.90
C PHE B 60 -0.12 -6.48 11.13
N ALA B 61 0.86 -5.80 10.52
CA ALA B 61 0.97 -4.34 10.61
C ALA B 61 -0.36 -3.69 10.23
N HIS B 62 -0.92 -4.16 9.11
CA HIS B 62 -2.26 -3.73 8.64
C HIS B 62 -3.30 -3.86 9.75
N PHE B 63 -3.35 -5.02 10.38
CA PHE B 63 -4.29 -5.26 11.45
C PHE B 63 -4.09 -4.33 12.63
N THR B 64 -2.82 -4.06 13.00
CA THR B 64 -2.55 -3.16 14.15
C THR B 64 -2.93 -1.76 13.79
N GLU B 65 -2.76 -1.40 12.52
CA GLU B 65 -3.10 -0.06 12.10
C GLU B 65 -4.59 0.24 12.17
N LEU B 66 -5.43 -0.72 11.75
CA LEU B 66 -6.87 -0.54 11.85
C LEU B 66 -7.30 -0.48 13.34
N ALA B 67 -6.63 -1.26 14.20
CA ALA B 67 -6.95 -1.31 15.62
C ALA B 67 -6.67 0.03 16.27
N ILE B 68 -5.56 0.66 15.88
CA ILE B 68 -5.20 1.98 16.37
C ILE B 68 -6.32 2.96 16.02
N ILE B 69 -6.78 2.92 14.78
CA ILE B 69 -7.83 3.83 14.33
C ILE B 69 -9.06 3.61 15.21
N SER B 70 -9.37 2.35 15.45
CA SER B 70 -10.52 1.98 16.24
C SER B 70 -10.38 2.48 17.69
N VAL B 71 -9.19 2.34 18.27
CA VAL B 71 -8.92 2.83 19.62
C VAL B 71 -9.23 4.31 19.72
N GLN B 72 -8.81 5.08 18.71
CA GLN B 72 -8.97 6.51 18.69
C GLN B 72 -10.44 6.87 18.50
N GLU B 73 -11.17 6.16 17.63
CA GLU B 73 -12.61 6.44 17.46
C GLU B 73 -13.41 6.15 18.74
N ILE B 74 -12.99 5.13 19.47
CA ILE B 74 -13.65 4.72 20.67
C ILE B 74 -13.40 5.75 21.73
N VAL B 75 -12.17 6.26 21.82
CA VAL B 75 -11.85 7.37 22.73
C VAL B 75 -12.74 8.57 22.43
N ASP B 76 -12.80 8.95 21.15
CA ASP B 76 -13.56 10.12 20.70
C ASP B 76 -15.05 9.95 20.95
N PHE B 77 -15.58 8.76 20.71
CA PHE B 77 -16.97 8.38 21.01
C PHE B 77 -17.32 8.55 22.50
N ALA B 78 -16.46 8.02 23.36
CA ALA B 78 -16.71 7.95 24.80
C ALA B 78 -16.75 9.35 25.37
N LYS B 79 -15.87 10.22 24.89
CA LYS B 79 -15.90 11.63 25.30
C LYS B 79 -17.22 12.35 25.02
N GLN B 80 -18.00 11.85 24.05
CA GLN B 80 -19.32 12.38 23.72
C GLN B 80 -20.46 11.75 24.48
N VAL B 81 -20.23 10.65 25.17
CA VAL B 81 -21.33 10.04 25.91
C VAL B 81 -21.59 10.92 27.12
N PRO B 82 -22.82 11.35 27.36
CA PRO B 82 -23.08 12.30 28.46
C PRO B 82 -22.66 11.71 29.81
N GLY B 83 -21.93 12.49 30.61
CA GLY B 83 -21.52 12.04 31.93
C GLY B 83 -20.14 11.39 31.97
N PHE B 84 -19.66 10.84 30.86
CA PHE B 84 -18.32 10.26 30.79
C PHE B 84 -17.18 11.20 31.26
N LEU B 85 -17.11 12.41 30.71
CA LEU B 85 -16.02 13.32 30.98
C LEU B 85 -16.05 13.86 32.41
N GLN B 86 -17.18 13.70 33.09
CA GLN B 86 -17.31 14.09 34.50
C GLN B 86 -16.83 12.99 35.47
N LEU B 87 -16.63 11.78 34.97
CA LEU B 87 -15.94 10.76 35.78
C LEU B 87 -14.50 11.20 36.03
N GLY B 88 -13.93 10.76 37.15
CA GLY B 88 -12.51 11.01 37.37
C GLY B 88 -11.72 10.41 36.22
N ARG B 89 -10.67 11.11 35.82
CA ARG B 89 -9.91 10.74 34.65
C ARG B 89 -9.32 9.32 34.75
N GLU B 90 -8.89 8.90 35.93
CA GLU B 90 -8.33 7.57 36.10
C GLU B 90 -9.40 6.53 35.79
N ASP B 91 -10.63 6.82 36.22
CA ASP B 91 -11.76 5.95 35.94
C ASP B 91 -12.15 5.98 34.47
N GLN B 92 -12.06 7.14 33.81
CA GLN B 92 -12.29 7.19 32.36
C GLN B 92 -11.33 6.23 31.66
N ILE B 93 -10.05 6.33 32.03
CA ILE B 93 -9.02 5.48 31.46
C ILE B 93 -9.31 4.01 31.75
N ALA B 94 -9.71 3.70 32.99
CA ALA B 94 -9.93 2.30 33.34
C ALA B 94 -11.08 1.69 32.59
N LEU B 95 -12.17 2.45 32.38
CA LEU B 95 -13.31 1.94 31.63
C LEU B 95 -12.92 1.71 30.14
N LEU B 96 -12.20 2.64 29.54
CA LEU B 96 -11.77 2.51 28.14
C LEU B 96 -10.77 1.40 27.94
N LYS B 97 -9.84 1.24 28.88
CA LYS B 97 -8.86 0.18 28.77
C LYS B 97 -9.54 -1.18 28.66
N ALA B 98 -10.62 -1.35 29.41
CA ALA B 98 -11.31 -2.63 29.50
C ALA B 98 -12.33 -2.75 28.39
N SER B 99 -12.99 -1.65 28.05
CA SER B 99 -14.10 -1.73 27.11
C SER B 99 -13.67 -1.79 25.64
N THR B 100 -12.46 -1.31 25.34
CA THR B 100 -12.03 -1.09 23.95
C THR B 100 -12.16 -2.32 23.05
N ILE B 101 -11.59 -3.44 23.48
CA ILE B 101 -11.59 -4.62 22.65
C ILE B 101 -13.02 -5.12 22.50
N GLU B 102 -13.81 -4.92 23.53
CA GLU B 102 -15.19 -5.39 23.52
C GLU B 102 -16.05 -4.59 22.55
N ILE B 103 -15.85 -3.29 22.50
CA ILE B 103 -16.51 -2.46 21.53
C ILE B 103 -16.04 -2.83 20.11
N MET B 104 -14.75 -3.08 19.95
CA MET B 104 -14.21 -3.48 18.64
C MET B 104 -14.87 -4.81 18.22
N LEU B 105 -15.12 -5.72 19.17
CA LEU B 105 -15.74 -7.02 18.82
C LEU B 105 -17.18 -6.82 18.39
N LEU B 106 -17.89 -5.91 19.06
CA LEU B 106 -19.24 -5.48 18.67
C LEU B 106 -19.26 -4.88 17.27
N GLU B 107 -18.26 -4.04 16.97
CA GLU B 107 -18.17 -3.40 15.65
C GLU B 107 -17.81 -4.38 14.56
N THR B 108 -16.92 -5.31 14.89
CA THR B 108 -16.61 -6.42 14.01
C THR B 108 -17.90 -7.21 13.69
N ALA B 109 -18.64 -7.65 14.69
CA ALA B 109 -19.89 -8.38 14.49
C ALA B 109 -20.88 -7.60 13.66
N ARG B 110 -20.99 -6.31 13.95
CA ARG B 110 -21.95 -5.45 13.28
C ARG B 110 -21.71 -5.40 11.75
N ARG B 111 -20.46 -5.62 11.39
CA ARG B 111 -20.00 -5.54 10.01
C ARG B 111 -19.86 -6.90 9.32
N TYR B 112 -20.22 -7.97 10.03
CA TYR B 112 -20.13 -9.33 9.51
C TYR B 112 -21.15 -9.54 8.39
N ASN B 113 -20.73 -10.11 7.28
CA ASN B 113 -21.61 -10.46 6.16
C ASN B 113 -21.64 -11.99 6.04
N HIS B 114 -22.82 -12.57 6.24
CA HIS B 114 -23.00 -14.02 6.27
C HIS B 114 -22.97 -14.64 4.86
N GLU B 115 -23.27 -13.87 3.82
CA GLU B 115 -23.12 -14.38 2.44
C GLU B 115 -21.68 -14.75 2.12
N THR B 116 -20.76 -13.81 2.38
CA THR B 116 -19.33 -13.97 2.08
C THR B 116 -18.52 -14.53 3.25
N GLU B 117 -19.14 -14.54 4.43
CA GLU B 117 -18.46 -14.91 5.67
C GLU B 117 -17.26 -14.01 5.97
N CYS B 118 -17.39 -12.72 5.64
CA CYS B 118 -16.33 -11.73 5.83
C CYS B 118 -16.78 -10.55 6.68
N ILE B 119 -15.81 -9.94 7.35
CA ILE B 119 -16.03 -8.78 8.20
C ILE B 119 -15.58 -7.53 7.44
N THR B 120 -16.42 -6.50 7.45
CA THR B 120 -16.05 -5.20 6.91
C THR B 120 -15.40 -4.36 8.01
N PHE B 121 -14.44 -3.53 7.63
CA PHE B 121 -13.94 -2.55 8.54
C PHE B 121 -13.58 -1.32 7.74
N LEU B 122 -13.64 -0.16 8.40
CA LEU B 122 -13.33 1.16 7.78
C LEU B 122 -13.96 1.40 6.40
N LYS B 123 -15.23 1.05 6.23
CA LYS B 123 -15.99 1.31 5.00
C LYS B 123 -15.90 0.20 3.94
N ASP B 124 -14.72 0.00 3.34
CA ASP B 124 -14.57 -0.83 2.13
C ASP B 124 -13.77 -2.14 2.31
N PHE B 125 -12.92 -2.20 3.33
CA PHE B 125 -11.99 -3.32 3.46
C PHE B 125 -12.74 -4.53 4.02
N THR B 126 -12.52 -5.74 3.50
CA THR B 126 -13.12 -6.92 4.13
C THR B 126 -12.15 -8.05 4.38
N TYR B 127 -12.46 -8.82 5.43
CA TYR B 127 -11.58 -9.86 5.93
C TYR B 127 -12.33 -11.15 6.22
N SER B 128 -11.77 -12.24 5.70
CA SER B 128 -12.23 -13.59 5.95
C SER B 128 -11.48 -14.19 7.11
N LYS B 129 -11.98 -15.31 7.62
CA LYS B 129 -11.34 -16.11 8.67
C LYS B 129 -9.89 -16.36 8.29
N ASP B 130 -9.67 -16.69 7.02
CA ASP B 130 -8.32 -17.01 6.54
C ASP B 130 -7.41 -15.79 6.47
N ASP B 131 -7.97 -14.61 6.21
CA ASP B 131 -7.19 -13.37 6.31
C ASP B 131 -6.69 -13.10 7.75
N PHE B 132 -7.53 -13.34 8.75
CA PHE B 132 -7.09 -13.30 10.15
C PHE B 132 -5.92 -14.29 10.41
N HIS B 133 -6.07 -15.52 9.92
CA HIS B 133 -5.03 -16.54 10.06
C HIS B 133 -3.76 -16.14 9.32
N ARG B 134 -3.90 -15.47 8.18
CA ARG B 134 -2.75 -15.07 7.36
C ARG B 134 -2.00 -13.93 8.04
N ALA B 135 -2.71 -13.15 8.85
CA ALA B 135 -2.13 -12.05 9.63
C ALA B 135 -1.51 -12.53 10.95
N GLY B 136 -1.42 -13.86 11.11
CA GLY B 136 -0.70 -14.47 12.21
C GLY B 136 -1.53 -14.84 13.44
N LEU B 137 -2.83 -14.53 13.45
CA LEU B 137 -3.66 -14.84 14.60
C LEU B 137 -4.00 -16.35 14.62
N GLN B 138 -4.44 -16.84 15.77
CA GLN B 138 -4.62 -18.30 15.98
C GLN B 138 -6.10 -18.63 16.02
N VAL B 139 -6.44 -19.87 15.69
CA VAL B 139 -7.81 -20.35 15.61
C VAL B 139 -8.59 -20.19 16.93
N GLU B 140 -7.88 -20.18 18.05
CA GLU B 140 -8.49 -20.07 19.37
C GLU B 140 -9.13 -18.73 19.63
N PHE B 141 -8.71 -17.72 18.86
CA PHE B 141 -9.31 -16.39 18.89
C PHE B 141 -10.23 -16.16 17.68
N ILE B 142 -9.80 -16.61 16.52
CA ILE B 142 -10.52 -16.39 15.27
C ILE B 142 -11.88 -17.07 15.25
N ASN B 143 -11.94 -18.34 15.64
CA ASN B 143 -13.24 -19.05 15.60
C ASN B 143 -14.30 -18.42 16.49
N PRO B 144 -14.02 -18.16 17.77
CA PRO B 144 -14.93 -17.38 18.60
C PRO B 144 -15.34 -16.01 18.06
N ILE B 145 -14.46 -15.33 17.35
CA ILE B 145 -14.81 -14.01 16.83
C ILE B 145 -15.91 -14.19 15.80
N PHE B 146 -15.69 -15.13 14.89
CA PHE B 146 -16.69 -15.43 13.86
C PHE B 146 -17.97 -16.10 14.40
N GLU B 147 -17.88 -16.95 15.40
CA GLU B 147 -19.12 -17.47 16.00
C GLU B 147 -19.90 -16.38 16.70
N PHE B 148 -19.20 -15.45 17.35
CA PHE B 148 -19.84 -14.35 18.02
C PHE B 148 -20.53 -13.46 16.99
N SER B 149 -19.88 -13.25 15.84
CA SER B 149 -20.45 -12.40 14.80
C SER B 149 -21.71 -13.06 14.22
N ARG B 150 -21.64 -14.35 13.96
CA ARG B 150 -22.81 -15.10 13.51
C ARG B 150 -23.97 -15.04 14.52
N ALA B 151 -23.67 -15.24 15.79
CA ALA B 151 -24.67 -15.19 16.87
C ALA B 151 -25.29 -13.78 16.96
N MET B 152 -24.45 -12.75 16.87
CA MET B 152 -24.93 -11.37 16.81
C MET B 152 -25.84 -11.14 15.60
N ARG B 153 -25.47 -11.64 14.45
CA ARG B 153 -26.34 -11.53 13.29
C ARG B 153 -27.73 -12.14 13.51
N ARG B 154 -27.81 -13.28 14.18
CA ARG B 154 -29.12 -13.94 14.43
C ARG B 154 -30.05 -13.13 15.33
N LEU B 155 -29.49 -12.26 16.15
CA LEU B 155 -30.29 -11.35 16.95
C LEU B 155 -30.87 -10.18 16.15
N GLY B 156 -30.32 -9.87 14.97
CA GLY B 156 -30.85 -8.81 14.12
C GLY B 156 -30.93 -7.43 14.78
N LEU B 157 -29.84 -7.04 15.40
CA LEU B 157 -29.73 -5.73 16.03
C LEU B 157 -29.69 -4.59 14.99
N ASP B 158 -30.31 -3.45 15.33
CA ASP B 158 -30.25 -2.26 14.45
C ASP B 158 -29.22 -1.28 15.01
N ASP B 159 -29.05 -0.11 14.39
CA ASP B 159 -28.10 0.87 14.87
C ASP B 159 -28.37 1.31 16.29
N ALA B 160 -29.63 1.48 16.66
CA ALA B 160 -29.99 1.91 18.01
C ALA B 160 -29.57 0.88 19.09
N GLU B 161 -29.87 -0.38 18.83
CA GLU B 161 -29.53 -1.46 19.77
C GLU B 161 -28.03 -1.56 19.98
N TYR B 162 -27.25 -1.56 18.89
CA TYR B 162 -25.79 -1.55 19.00
C TYR B 162 -25.27 -0.34 19.76
N ALA B 163 -25.78 0.86 19.46
CA ALA B 163 -25.31 2.04 20.14
C ALA B 163 -25.60 1.95 21.67
N LEU B 164 -26.78 1.52 22.03
CA LEU B 164 -27.14 1.35 23.43
C LEU B 164 -26.25 0.30 24.12
N LEU B 165 -25.97 -0.78 23.42
CA LEU B 165 -25.12 -1.84 23.97
C LEU B 165 -23.72 -1.36 24.19
N ILE B 166 -23.20 -0.54 23.28
CA ILE B 166 -21.84 -0.02 23.46
C ILE B 166 -21.80 0.91 24.69
N ALA B 167 -22.80 1.74 24.87
CA ALA B 167 -22.87 2.66 26.03
C ALA B 167 -22.96 1.85 27.33
N ILE B 168 -23.79 0.80 27.34
CA ILE B 168 -23.90 -0.09 28.47
C ILE B 168 -22.53 -0.73 28.78
N ASN B 169 -21.83 -1.14 27.73
CA ASN B 169 -20.53 -1.75 27.86
C ASN B 169 -19.49 -0.78 28.46
N ILE B 170 -19.52 0.48 28.03
CA ILE B 170 -18.56 1.45 28.50
C ILE B 170 -18.76 1.66 29.97
N PHE B 171 -20.02 1.77 30.39
CA PHE B 171 -20.34 2.05 31.79
C PHE B 171 -20.52 0.77 32.63
N SER B 172 -19.56 -0.13 32.55
CA SER B 172 -19.52 -1.35 33.37
C SER B 172 -18.77 -1.10 34.68
N ALA B 173 -19.48 -1.02 35.78
CA ALA B 173 -18.89 -0.57 37.06
C ALA B 173 -17.88 -1.55 37.64
N ASP B 174 -17.91 -2.80 37.16
CA ASP B 174 -16.98 -3.83 37.68
C ASP B 174 -15.65 -4.00 36.92
N ARG B 175 -15.26 -3.06 36.07
CA ARG B 175 -13.92 -3.08 35.51
C ARG B 175 -12.85 -3.00 36.56
N PRO B 176 -11.70 -3.60 36.31
CA PRO B 176 -10.56 -3.43 37.21
C PRO B 176 -10.21 -1.97 37.40
N ASN B 177 -9.82 -1.62 38.63
CA ASN B 177 -9.23 -0.34 39.00
C ASN B 177 -10.20 0.87 39.00
N VAL B 178 -11.49 0.63 38.92
CA VAL B 178 -12.47 1.71 38.97
C VAL B 178 -12.63 2.18 40.43
N GLN B 179 -12.50 3.49 40.66
CA GLN B 179 -12.46 4.02 42.03
C GLN B 179 -13.83 4.47 42.52
N GLU B 180 -14.72 4.87 41.62
CA GLU B 180 -16.08 5.20 41.98
C GLU B 180 -17.04 4.35 41.15
N PRO B 181 -17.14 3.07 41.42
CA PRO B 181 -18.01 2.21 40.61
C PRO B 181 -19.47 2.66 40.68
N GLY B 182 -19.91 3.33 41.77
CA GLY B 182 -21.30 3.74 41.90
C GLY B 182 -21.66 4.86 40.95
N ARG B 183 -20.70 5.73 40.66
CA ARG B 183 -20.90 6.77 39.70
C ARG B 183 -21.02 6.12 38.31
N VAL B 184 -20.36 4.99 38.10
CA VAL B 184 -20.39 4.34 36.76
C VAL B 184 -21.74 3.60 36.59
N GLU B 185 -22.13 2.83 37.60
CA GLU B 185 -23.45 2.17 37.65
C GLU B 185 -24.63 3.12 37.42
N ALA B 186 -24.55 4.34 37.96
CA ALA B 186 -25.60 5.36 37.82
C ALA B 186 -25.72 5.87 36.38
N LEU B 187 -24.59 5.95 35.66
CA LEU B 187 -24.64 6.29 34.26
C LEU B 187 -25.14 5.12 33.40
N GLN B 188 -24.81 3.90 33.75
CA GLN B 188 -25.20 2.74 32.94
C GLN B 188 -26.72 2.53 32.91
N GLN B 189 -27.33 2.72 34.06
CA GLN B 189 -28.72 2.29 34.26
C GLN B 189 -29.72 2.82 33.23
N PRO B 190 -29.76 4.12 32.95
CA PRO B 190 -30.71 4.66 31.97
C PRO B 190 -30.54 4.08 30.56
N TYR B 191 -29.33 3.68 30.22
CA TYR B 191 -29.09 3.00 28.96
C TYR B 191 -29.67 1.60 28.93
N VAL B 192 -29.52 0.87 30.03
CA VAL B 192 -30.14 -0.45 30.19
C VAL B 192 -31.67 -0.35 30.09
N GLU B 193 -32.25 0.61 30.80
CA GLU B 193 -33.68 0.87 30.74
C GLU B 193 -34.14 1.28 29.34
N ALA B 194 -33.31 2.06 28.64
CA ALA B 194 -33.65 2.48 27.29
C ALA B 194 -33.66 1.25 26.37
N LEU B 195 -32.67 0.38 26.52
CA LEU B 195 -32.63 -0.83 25.70
C LEU B 195 -33.82 -1.77 25.97
N LEU B 196 -34.16 -1.97 27.24
CA LEU B 196 -35.33 -2.76 27.60
C LEU B 196 -36.58 -2.25 26.89
N SER B 197 -36.86 -0.96 27.02
CA SER B 197 -38.08 -0.36 26.42
C SER B 197 -38.02 -0.39 24.89
N TYR B 198 -36.83 -0.16 24.33
CA TYR B 198 -36.62 -0.26 22.89
C TYR B 198 -36.96 -1.64 22.32
N THR B 199 -36.40 -2.70 22.91
CA THR B 199 -36.65 -4.06 22.42
C THR B 199 -38.10 -4.49 22.60
N ARG B 200 -38.69 -4.05 23.70
CA ARG B 200 -40.09 -4.32 24.01
C ARG B 200 -41.02 -3.78 22.92
N ILE B 201 -40.67 -2.60 22.43
CA ILE B 201 -41.47 -1.91 21.42
C ILE B 201 -41.20 -2.53 20.06
N LYS B 202 -39.93 -2.75 19.74
CA LYS B 202 -39.53 -3.28 18.44
C LYS B 202 -40.05 -4.71 18.22
N ARG B 203 -40.05 -5.53 19.27
CA ARG B 203 -40.41 -6.93 19.16
C ARG B 203 -41.26 -7.32 20.37
N PRO B 204 -42.50 -6.80 20.45
CA PRO B 204 -43.34 -7.07 21.63
C PRO B 204 -43.55 -8.56 21.90
N GLN B 205 -43.45 -9.40 20.88
CA GLN B 205 -43.69 -10.84 21.05
C GLN B 205 -42.43 -11.64 21.40
N ASP B 206 -41.24 -11.09 21.17
CA ASP B 206 -40.00 -11.82 21.46
C ASP B 206 -39.41 -11.42 22.81
N GLN B 207 -39.91 -12.05 23.87
CA GLN B 207 -39.51 -11.73 25.25
C GLN B 207 -38.04 -12.05 25.57
N LEU B 208 -37.41 -12.91 24.77
CA LEU B 208 -36.05 -13.35 25.04
C LEU B 208 -34.95 -12.53 24.37
N ARG B 209 -35.34 -11.58 23.50
CA ARG B 209 -34.35 -10.81 22.73
C ARG B 209 -33.48 -10.00 23.67
N PHE B 210 -34.11 -9.29 24.59
CA PHE B 210 -33.39 -8.47 25.52
C PHE B 210 -32.39 -9.28 26.40
N PRO B 211 -32.84 -10.36 27.06
CA PRO B 211 -31.89 -11.24 27.74
C PRO B 211 -30.77 -11.74 26.85
N ARG B 212 -31.06 -12.15 25.63
CA ARG B 212 -29.98 -12.61 24.76
C ARG B 212 -28.97 -11.50 24.49
N MET B 213 -29.44 -10.26 24.40
CA MET B 213 -28.53 -9.13 24.19
C MET B 213 -27.60 -8.93 25.35
N LEU B 214 -28.18 -8.97 26.54
CA LEU B 214 -27.37 -8.87 27.78
C LEU B 214 -26.35 -10.01 27.87
N MET B 215 -26.72 -11.18 27.40
CA MET B 215 -25.80 -12.32 27.46
C MET B 215 -24.64 -12.15 26.48
N LYS B 216 -24.79 -11.29 25.48
CA LYS B 216 -23.66 -11.00 24.60
C LYS B 216 -22.60 -10.23 25.39
N LEU B 217 -22.99 -9.48 26.43
CA LEU B 217 -22.00 -8.83 27.31
C LEU B 217 -21.14 -9.82 28.08
N VAL B 218 -21.74 -10.95 28.43
CA VAL B 218 -21.07 -12.03 29.09
C VAL B 218 -20.02 -12.60 28.14
N SER B 219 -20.41 -12.90 26.91
CA SER B 219 -19.49 -13.48 25.95
C SER B 219 -18.32 -12.54 25.70
N LEU B 220 -18.60 -11.23 25.68
CA LEU B 220 -17.57 -10.23 25.41
C LEU B 220 -16.46 -10.25 26.44
N ARG B 221 -16.81 -10.53 27.69
CA ARG B 221 -15.82 -10.66 28.74
C ARG B 221 -14.89 -11.82 28.50
N THR B 222 -15.42 -12.94 28.08
CA THR B 222 -14.54 -14.05 27.76
C THR B 222 -13.66 -13.78 26.52
N LEU B 223 -14.22 -13.16 25.51
CA LEU B 223 -13.48 -12.81 24.28
C LEU B 223 -12.33 -11.86 24.58
N SER B 224 -12.58 -10.89 25.45
CA SER B 224 -11.51 -10.04 25.97
C SER B 224 -10.33 -10.83 26.53
N SER B 225 -10.58 -11.85 27.36
CA SER B 225 -9.51 -12.76 27.83
C SER B 225 -8.84 -13.53 26.72
N VAL B 226 -9.63 -14.13 25.84
CA VAL B 226 -9.08 -14.78 24.68
C VAL B 226 -8.20 -13.79 23.86
N HIS B 227 -8.61 -12.54 23.72
CA HIS B 227 -7.76 -11.58 23.03
C HIS B 227 -6.43 -11.38 23.76
N SER B 228 -6.45 -11.29 25.07
CA SER B 228 -5.20 -11.21 25.84
C SER B 228 -4.29 -12.43 25.61
N GLU B 229 -4.87 -13.62 25.55
CA GLU B 229 -4.11 -14.83 25.23
C GLU B 229 -3.56 -14.76 23.81
N GLN B 230 -4.31 -14.16 22.88
CA GLN B 230 -3.82 -13.99 21.51
C GLN B 230 -2.60 -13.05 21.49
N VAL B 231 -2.68 -11.93 22.19
CA VAL B 231 -1.56 -10.96 22.18
C VAL B 231 -0.29 -11.59 22.78
N PHE B 232 -0.43 -12.31 23.87
CA PHE B 232 0.64 -13.09 24.45
C PHE B 232 1.28 -13.98 23.41
N ALA B 233 0.45 -14.80 22.75
CA ALA B 233 0.92 -15.76 21.77
C ALA B 233 1.62 -15.11 20.55
N LEU B 234 1.23 -13.88 20.22
CA LEU B 234 1.79 -13.21 19.04
C LEU B 234 3.24 -12.78 19.26
N ARG B 235 3.57 -12.42 20.49
CA ARG B 235 4.95 -12.06 20.85
C ARG B 235 5.97 -13.21 20.59
N LEU B 236 5.52 -14.46 20.75
CA LEU B 236 6.35 -15.64 20.45
C LEU B 236 6.79 -15.73 18.99
N GLN B 237 6.13 -14.98 18.12
CA GLN B 237 6.28 -15.12 16.68
C GLN B 237 6.82 -13.82 16.08
N ASP B 238 7.52 -13.02 16.89
CA ASP B 238 8.13 -11.75 16.47
C ASP B 238 7.11 -10.62 16.25
N LYS B 239 5.89 -10.79 16.75
CA LYS B 239 4.81 -9.85 16.50
C LYS B 239 4.37 -9.13 17.77
N LYS B 240 5.07 -8.04 18.08
CA LYS B 240 4.76 -7.24 19.25
C LYS B 240 3.84 -6.09 18.87
N LEU B 241 2.98 -5.71 19.80
CA LEU B 241 2.07 -4.62 19.57
C LEU B 241 2.87 -3.33 19.43
N PRO B 242 2.41 -2.39 18.60
CA PRO B 242 3.01 -1.05 18.54
C PRO B 242 2.70 -0.30 19.82
N PRO B 243 3.36 0.85 20.05
CA PRO B 243 3.19 1.62 21.31
C PRO B 243 1.74 1.93 21.75
N LEU B 244 0.90 2.57 20.94
CA LEU B 244 -0.48 2.83 21.39
C LEU B 244 -1.30 1.59 21.80
N LEU B 245 -1.09 0.45 21.14
CA LEU B 245 -1.80 -0.77 21.51
C LEU B 245 -1.16 -1.44 22.74
N SER B 246 0.16 -1.37 22.82
CA SER B 246 0.91 -1.92 23.94
C SER B 246 0.40 -1.41 25.28
N GLU B 247 0.10 -0.12 25.37
CA GLU B 247 -0.24 0.44 26.64
C GLU B 247 -1.64 0.03 27.08
N ILE B 248 -2.51 -0.36 26.13
CA ILE B 248 -3.86 -0.80 26.49
C ILE B 248 -3.93 -2.30 26.81
N TRP B 249 -3.13 -3.09 26.10
CA TRP B 249 -3.34 -4.54 26.02
C TRP B 249 -2.16 -5.38 26.43
N ASP B 250 -0.94 -4.85 26.39
CA ASP B 250 0.17 -5.61 26.96
C ASP B 250 0.02 -5.57 28.47
N LEU C 12 5.22 31.52 -47.90
CA LEU C 12 4.12 30.68 -47.33
C LEU C 12 2.89 30.72 -48.25
N THR C 13 2.68 29.63 -49.00
CA THR C 13 1.59 29.53 -49.95
C THR C 13 0.29 29.13 -49.25
N ALA C 14 -0.83 29.34 -49.93
CA ALA C 14 -2.14 28.91 -49.44
C ALA C 14 -2.19 27.39 -49.18
N ALA C 15 -1.57 26.62 -50.05
CA ALA C 15 -1.47 25.16 -49.86
C ALA C 15 -0.74 24.79 -48.59
N GLN C 16 0.41 25.42 -48.33
CA GLN C 16 1.10 25.24 -47.08
C GLN C 16 0.26 25.66 -45.88
N GLU C 17 -0.43 26.79 -45.97
CA GLU C 17 -1.28 27.25 -44.88
C GLU C 17 -2.41 26.29 -44.55
N LEU C 18 -3.06 25.75 -45.59
CA LEU C 18 -4.12 24.77 -45.46
C LEU C 18 -3.60 23.49 -44.79
N MET C 19 -2.48 22.99 -45.24
CA MET C 19 -1.98 21.74 -44.64
C MET C 19 -1.54 21.94 -43.22
N ILE C 20 -0.99 23.09 -42.91
CA ILE C 20 -0.69 23.39 -41.52
C ILE C 20 -1.96 23.42 -40.67
N GLN C 21 -2.92 24.15 -41.16
CA GLN C 21 -4.26 24.22 -40.57
C GLN C 21 -4.86 22.84 -40.25
N GLN C 22 -4.79 21.94 -41.22
CA GLN C 22 -5.32 20.62 -41.05
C GLN C 22 -4.51 19.80 -40.04
N LEU C 23 -3.18 20.00 -39.93
CA LEU C 23 -2.42 19.32 -38.89
C LEU C 23 -2.82 19.82 -37.52
N VAL C 24 -3.04 21.12 -37.41
CA VAL C 24 -3.43 21.74 -36.13
C VAL C 24 -4.80 21.24 -35.69
N ALA C 25 -5.78 21.23 -36.60
CA ALA C 25 -7.09 20.64 -36.34
C ALA C 25 -6.99 19.15 -35.93
N ALA C 26 -6.17 18.35 -36.62
CA ALA C 26 -6.02 16.93 -36.26
C ALA C 26 -5.52 16.76 -34.84
N GLN C 27 -4.55 17.58 -34.43
CA GLN C 27 -4.02 17.59 -33.07
C GLN C 27 -5.17 17.84 -32.08
N LEU C 28 -6.03 18.82 -32.37
CA LEU C 28 -7.16 19.13 -31.51
C LEU C 28 -8.12 17.95 -31.38
N GLN C 29 -8.51 17.40 -32.52
CA GLN C 29 -9.47 16.28 -32.62
C GLN C 29 -8.94 15.00 -31.93
N CYS C 30 -7.62 14.79 -31.93
CA CYS C 30 -7.03 13.60 -31.35
C CYS C 30 -7.06 13.64 -29.82
N ASN C 31 -7.00 14.85 -29.27
CA ASN C 31 -7.14 15.07 -27.82
C ASN C 31 -8.60 14.84 -27.38
N LYS C 32 -8.87 13.67 -26.79
CA LYS C 32 -10.20 13.34 -26.26
C LYS C 32 -10.18 13.19 -24.73
N ARG C 33 -9.16 13.76 -24.09
CA ARG C 33 -9.00 13.73 -22.64
C ARG C 33 -10.14 14.42 -21.89
N SER C 34 -10.49 15.63 -22.33
CA SER C 34 -11.54 16.38 -21.64
C SER C 34 -12.89 15.66 -21.74
N PHE C 35 -13.01 14.76 -22.71
CA PHE C 35 -14.18 13.86 -22.81
C PHE C 35 -13.74 12.40 -23.03
N LYS C 40 -11.24 6.97 -15.71
CA LYS C 40 -10.66 5.77 -16.28
C LYS C 40 -9.53 5.22 -15.41
N VAL C 41 -8.77 6.11 -14.80
CA VAL C 41 -7.37 5.84 -14.44
C VAL C 41 -7.15 5.52 -12.96
N THR C 42 -6.31 4.51 -12.68
CA THR C 42 -5.90 4.17 -11.31
C THR C 42 -5.68 5.48 -10.55
N PRO C 43 -6.36 5.65 -9.42
CA PRO C 43 -6.19 6.86 -8.63
C PRO C 43 -4.73 7.07 -8.20
N TRP C 44 -4.25 8.30 -8.38
CA TRP C 44 -3.00 8.70 -7.78
C TRP C 44 -3.20 8.58 -6.28
N PRO C 45 -2.40 7.76 -5.60
CA PRO C 45 -2.55 7.58 -4.14
C PRO C 45 -2.26 8.87 -3.34
N LEU C 46 -3.30 9.70 -3.21
CA LEU C 46 -3.23 10.94 -2.44
C LEU C 46 -3.35 10.61 -0.95
N GLN C 51 7.73 6.30 0.05
CA GLN C 51 8.54 5.08 0.09
C GLN C 51 7.69 3.80 0.27
N SER C 52 6.39 3.95 0.47
CA SER C 52 5.50 2.79 0.48
C SER C 52 5.65 2.09 -0.89
N ARG C 53 5.83 0.76 -0.85
CA ARG C 53 6.08 -0.02 -2.06
C ARG C 53 4.83 -0.17 -2.92
N ASP C 54 3.71 -0.53 -2.28
CA ASP C 54 2.43 -0.66 -2.99
C ASP C 54 1.93 0.68 -3.54
N ALA C 55 2.19 1.77 -2.82
CA ALA C 55 1.94 3.13 -3.34
C ALA C 55 2.78 3.41 -4.58
N ARG C 56 4.05 3.02 -4.55
CA ARG C 56 4.99 3.12 -5.69
C ARG C 56 4.38 2.44 -6.89
N GLN C 57 3.96 1.19 -6.71
CA GLN C 57 3.42 0.37 -7.80
C GLN C 57 2.14 0.97 -8.35
N GLN C 58 1.33 1.56 -7.48
CA GLN C 58 0.09 2.22 -7.87
C GLN C 58 0.37 3.47 -8.70
N ARG C 59 1.38 4.26 -8.29
CA ARG C 59 1.80 5.44 -9.07
C ARG C 59 2.39 5.10 -10.42
N PHE C 60 3.17 4.03 -10.50
CA PHE C 60 3.72 3.58 -11.77
C PHE C 60 2.59 3.12 -12.67
N ALA C 61 1.62 2.39 -12.11
CA ALA C 61 0.48 1.96 -12.94
C ALA C 61 -0.26 3.17 -13.57
N HIS C 62 -0.53 4.16 -12.72
CA HIS C 62 -1.12 5.44 -13.10
C HIS C 62 -0.35 6.06 -14.27
N PHE C 63 0.96 6.17 -14.14
CA PHE C 63 1.79 6.70 -15.22
C PHE C 63 1.64 5.94 -16.54
N THR C 64 1.56 4.65 -16.39
CA THR C 64 1.45 3.72 -17.49
C THR C 64 0.12 3.92 -18.25
N GLU C 65 -0.95 4.19 -17.53
CA GLU C 65 -2.24 4.48 -18.11
C GLU C 65 -2.28 5.83 -18.81
N LEU C 66 -1.54 6.81 -18.30
CA LEU C 66 -1.41 8.09 -19.02
C LEU C 66 -0.67 7.91 -20.32
N ALA C 67 0.43 7.13 -20.29
CA ALA C 67 1.16 6.85 -21.51
C ALA C 67 0.32 6.14 -22.53
N ILE C 68 -0.53 5.21 -22.11
CA ILE C 68 -1.44 4.55 -23.05
C ILE C 68 -2.40 5.58 -23.73
N ILE C 69 -2.96 6.50 -22.97
CA ILE C 69 -3.80 7.52 -23.57
C ILE C 69 -2.99 8.27 -24.64
N SER C 70 -1.71 8.59 -24.38
CA SER C 70 -0.93 9.33 -25.39
C SER C 70 -0.65 8.49 -26.62
N VAL C 71 -0.31 7.22 -26.42
CA VAL C 71 -0.08 6.30 -27.52
C VAL C 71 -1.27 6.28 -28.47
N GLN C 72 -2.47 6.15 -27.93
CA GLN C 72 -3.70 6.11 -28.73
C GLN C 72 -3.92 7.43 -29.50
N GLU C 73 -3.71 8.58 -28.85
CA GLU C 73 -3.81 9.88 -29.52
C GLU C 73 -2.76 10.02 -30.65
N ILE C 74 -1.55 9.52 -30.44
CA ILE C 74 -0.48 9.59 -31.43
C ILE C 74 -0.78 8.70 -32.64
N VAL C 75 -1.29 7.49 -32.42
CA VAL C 75 -1.73 6.64 -33.51
C VAL C 75 -2.85 7.35 -34.27
N ASP C 76 -3.83 7.91 -33.57
CA ASP C 76 -4.90 8.62 -34.26
C ASP C 76 -4.43 9.82 -35.09
N PHE C 77 -3.53 10.60 -34.53
CA PHE C 77 -2.94 11.75 -35.21
C PHE C 77 -2.17 11.35 -36.49
N ALA C 78 -1.27 10.39 -36.36
CA ALA C 78 -0.45 9.96 -37.47
C ALA C 78 -1.26 9.54 -38.70
N LYS C 79 -2.42 8.92 -38.48
CA LYS C 79 -3.28 8.50 -39.56
C LYS C 79 -3.83 9.70 -40.35
N GLN C 80 -3.87 10.88 -39.72
CA GLN C 80 -4.34 12.11 -40.37
C GLN C 80 -3.21 12.96 -40.94
N VAL C 81 -1.96 12.53 -40.80
CA VAL C 81 -0.82 13.23 -41.40
C VAL C 81 -0.71 12.77 -42.88
N PRO C 82 -0.83 13.67 -43.87
CA PRO C 82 -0.73 13.22 -45.27
C PRO C 82 0.56 12.45 -45.59
N GLY C 83 0.39 11.32 -46.25
CA GLY C 83 1.47 10.46 -46.64
C GLY C 83 1.59 9.24 -45.76
N PHE C 84 1.20 9.37 -44.50
CA PHE C 84 1.45 8.31 -43.54
C PHE C 84 0.80 7.02 -43.97
N LEU C 85 -0.50 7.08 -44.27
CA LEU C 85 -1.26 5.90 -44.65
C LEU C 85 -0.92 5.41 -46.06
N GLN C 86 -0.04 6.13 -46.77
CA GLN C 86 0.48 5.69 -48.09
C GLN C 86 1.61 4.70 -47.92
N LEU C 87 2.35 4.83 -46.84
CA LEU C 87 3.37 3.88 -46.46
C LEU C 87 2.78 2.48 -46.23
N GLY C 88 3.61 1.45 -46.37
CA GLY C 88 3.20 0.07 -46.11
C GLY C 88 3.06 -0.10 -44.61
N ARG C 89 2.33 -1.09 -44.15
CA ARG C 89 2.00 -1.18 -42.73
C ARG C 89 3.25 -1.30 -41.89
N GLU C 90 4.21 -2.07 -42.38
CA GLU C 90 5.43 -2.34 -41.64
C GLU C 90 6.16 -1.05 -41.33
N ASP C 91 6.18 -0.14 -42.30
CA ASP C 91 6.78 1.16 -42.12
C ASP C 91 5.95 2.09 -41.26
N GLN C 92 4.64 2.08 -41.41
CA GLN C 92 3.77 2.79 -40.47
C GLN C 92 4.16 2.39 -39.07
N ILE C 93 4.19 1.08 -38.82
CA ILE C 93 4.56 0.57 -37.48
C ILE C 93 5.97 1.01 -37.03
N ALA C 94 6.95 0.88 -37.90
CA ALA C 94 8.36 1.19 -37.53
C ALA C 94 8.52 2.65 -37.20
N LEU C 95 7.89 3.53 -37.99
CA LEU C 95 7.97 4.96 -37.73
C LEU C 95 7.28 5.31 -36.40
N LEU C 96 6.07 4.81 -36.20
CA LEU C 96 5.36 5.17 -34.95
C LEU C 96 6.03 4.56 -33.72
N LYS C 97 6.56 3.35 -33.85
CA LYS C 97 7.27 2.74 -32.75
C LYS C 97 8.39 3.69 -32.25
N ALA C 98 9.17 4.24 -33.16
CA ALA C 98 10.33 5.02 -32.79
C ALA C 98 9.97 6.46 -32.37
N SER C 99 9.03 7.05 -33.08
CA SER C 99 8.54 8.38 -32.78
C SER C 99 7.73 8.55 -31.51
N THR C 100 7.00 7.51 -31.09
CA THR C 100 6.05 7.62 -29.99
C THR C 100 6.62 8.34 -28.76
N ILE C 101 7.71 7.87 -28.21
CA ILE C 101 8.28 8.51 -27.00
C ILE C 101 8.73 9.96 -27.27
N GLU C 102 9.24 10.21 -28.47
CA GLU C 102 9.71 11.55 -28.85
C GLU C 102 8.54 12.49 -28.93
N ILE C 103 7.43 12.04 -29.50
CA ILE C 103 6.24 12.90 -29.56
C ILE C 103 5.69 13.09 -28.17
N MET C 104 5.81 12.09 -27.30
CA MET C 104 5.31 12.29 -25.91
C MET C 104 6.15 13.30 -25.17
N LEU C 105 7.45 13.32 -25.41
CA LEU C 105 8.34 14.32 -24.79
C LEU C 105 8.03 15.76 -25.26
N LEU C 106 7.70 15.87 -26.53
CA LEU C 106 7.30 17.16 -27.10
C LEU C 106 5.95 17.60 -26.50
N GLU C 107 5.01 16.67 -26.34
CA GLU C 107 3.70 16.99 -25.79
C GLU C 107 3.80 17.28 -24.28
N THR C 108 4.69 16.57 -23.59
CA THR C 108 5.05 16.84 -22.20
C THR C 108 5.65 18.24 -22.03
N ALA C 109 6.61 18.59 -22.88
CA ALA C 109 7.18 19.89 -22.86
C ALA C 109 6.12 20.96 -23.13
N ARG C 110 5.21 20.69 -24.05
CA ARG C 110 4.20 21.69 -24.41
C ARG C 110 3.27 21.99 -23.26
N ARG C 111 3.12 21.05 -22.34
CA ARG C 111 2.22 21.15 -21.19
C ARG C 111 2.98 21.46 -19.88
N TYR C 112 4.26 21.73 -19.98
CA TYR C 112 5.05 22.11 -18.78
C TYR C 112 4.64 23.48 -18.29
N ASN C 113 4.33 23.59 -17.01
CA ASN C 113 4.01 24.84 -16.38
C ASN C 113 5.24 25.24 -15.53
N HIS C 114 5.94 26.33 -15.91
CA HIS C 114 7.11 26.77 -15.14
C HIS C 114 6.78 27.40 -13.80
N GLU C 115 5.58 27.93 -13.64
CA GLU C 115 5.19 28.51 -12.38
C GLU C 115 5.15 27.47 -11.25
N THR C 116 4.69 26.25 -11.56
CA THR C 116 4.66 25.16 -10.59
C THR C 116 5.79 24.18 -10.80
N GLU C 117 6.49 24.28 -11.92
CA GLU C 117 7.52 23.28 -12.31
C GLU C 117 6.88 21.88 -12.38
N CYS C 118 5.68 21.81 -12.96
CA CYS C 118 5.00 20.54 -13.12
C CYS C 118 4.57 20.33 -14.56
N ILE C 119 4.52 19.07 -14.95
CA ILE C 119 3.88 18.68 -16.18
C ILE C 119 2.37 18.54 -15.97
N THR C 120 1.58 19.19 -16.81
CA THR C 120 0.14 19.08 -16.77
C THR C 120 -0.38 18.17 -17.89
N PHE C 121 -0.70 16.91 -17.57
CA PHE C 121 -1.32 15.99 -18.51
C PHE C 121 -2.76 16.40 -18.79
N LEU C 122 -3.53 16.59 -17.70
CA LEU C 122 -4.88 17.17 -17.78
C LEU C 122 -4.99 18.28 -16.73
N LYS C 123 -6.09 19.00 -16.74
CA LYS C 123 -6.22 20.21 -15.94
C LYS C 123 -5.95 19.97 -14.45
N ASP C 124 -6.53 18.91 -13.89
CA ASP C 124 -6.31 18.60 -12.46
C ASP C 124 -5.27 17.48 -12.22
N PHE C 125 -4.50 17.16 -13.24
CA PHE C 125 -3.51 16.08 -13.16
C PHE C 125 -2.13 16.67 -13.51
N THR C 126 -1.40 17.06 -12.49
CA THR C 126 -0.07 17.65 -12.64
C THR C 126 0.96 16.87 -11.86
N TYR C 127 2.18 16.86 -12.40
CA TYR C 127 3.22 15.97 -11.96
C TYR C 127 4.55 16.74 -11.89
N SER C 128 5.10 16.81 -10.68
CA SER C 128 6.39 17.41 -10.42
C SER C 128 7.49 16.37 -10.56
N LYS C 129 8.74 16.79 -10.39
CA LYS C 129 9.86 15.87 -10.44
C LYS C 129 9.74 14.85 -9.33
N ASP C 130 9.31 15.28 -8.14
CA ASP C 130 9.12 14.39 -7.00
C ASP C 130 8.05 13.33 -7.30
N ASP C 131 6.98 13.74 -7.99
CA ASP C 131 5.92 12.79 -8.39
C ASP C 131 6.50 11.68 -9.28
N PHE C 132 7.30 12.06 -10.27
CA PHE C 132 7.93 11.09 -11.15
C PHE C 132 8.76 10.12 -10.33
N HIS C 133 9.58 10.66 -9.41
CA HIS C 133 10.41 9.86 -8.52
C HIS C 133 9.62 8.87 -7.66
N ARG C 134 8.45 9.29 -7.20
CA ARG C 134 7.61 8.48 -6.31
C ARG C 134 6.94 7.36 -7.09
N ALA C 135 6.89 7.50 -8.40
CA ALA C 135 6.47 6.43 -9.29
C ALA C 135 7.62 5.49 -9.66
N GLY C 136 8.75 5.59 -8.96
CA GLY C 136 9.89 4.71 -9.14
C GLY C 136 10.82 5.04 -10.28
N LEU C 137 10.61 6.19 -10.93
CA LEU C 137 11.48 6.62 -12.01
C LEU C 137 12.83 7.18 -11.50
N GLN C 138 13.86 7.03 -12.34
CA GLN C 138 15.26 7.44 -12.08
C GLN C 138 15.54 8.92 -12.33
N VAL C 139 16.39 9.50 -11.51
CA VAL C 139 16.83 10.89 -11.70
C VAL C 139 17.50 11.13 -13.08
N GLU C 140 18.20 10.13 -13.60
CA GLU C 140 18.81 10.25 -14.94
C GLU C 140 17.81 10.39 -16.08
N PHE C 141 16.55 10.01 -15.84
CA PHE C 141 15.47 10.19 -16.79
C PHE C 141 14.67 11.45 -16.42
N ILE C 142 14.37 11.65 -15.15
CA ILE C 142 13.50 12.74 -14.75
C ILE C 142 14.15 14.10 -15.04
N ASN C 143 15.41 14.24 -14.67
CA ASN C 143 16.05 15.53 -14.80
C ASN C 143 16.12 15.97 -16.27
N PRO C 144 16.59 15.14 -17.19
CA PRO C 144 16.54 15.48 -18.61
C PRO C 144 15.18 15.79 -19.24
N ILE C 145 14.11 15.15 -18.79
CA ILE C 145 12.75 15.46 -19.28
C ILE C 145 12.39 16.86 -18.88
N PHE C 146 12.69 17.21 -17.63
CA PHE C 146 12.35 18.55 -17.16
C PHE C 146 13.29 19.59 -17.75
N GLU C 147 14.57 19.27 -18.01
CA GLU C 147 15.48 20.23 -18.68
C GLU C 147 14.99 20.50 -20.07
N PHE C 148 14.64 19.44 -20.80
CA PHE C 148 14.08 19.55 -22.13
C PHE C 148 12.80 20.39 -22.10
N SER C 149 11.92 20.13 -21.12
CA SER C 149 10.70 20.90 -20.99
C SER C 149 10.99 22.39 -20.80
N ARG C 150 11.93 22.73 -19.92
CA ARG C 150 12.27 24.15 -19.71
C ARG C 150 12.89 24.78 -20.97
N ALA C 151 13.73 24.03 -21.68
CA ALA C 151 14.36 24.54 -22.91
C ALA C 151 13.30 24.76 -24.00
N MET C 152 12.32 23.88 -24.09
CA MET C 152 11.27 24.05 -25.09
C MET C 152 10.44 25.29 -24.84
N ARG C 153 10.17 25.59 -23.58
CA ARG C 153 9.43 26.78 -23.19
C ARG C 153 10.18 28.05 -23.65
N ARG C 154 11.50 28.02 -23.51
CA ARG C 154 12.39 29.09 -23.99
C ARG C 154 12.11 29.37 -25.46
N LEU C 155 11.95 28.34 -26.26
CA LEU C 155 11.70 28.53 -27.69
C LEU C 155 10.31 29.12 -28.00
N GLY C 156 9.29 28.80 -27.19
CA GLY C 156 7.98 29.38 -27.36
C GLY C 156 7.30 29.00 -28.67
N LEU C 157 7.31 27.70 -28.99
CA LEU C 157 6.63 27.22 -30.19
C LEU C 157 5.11 27.45 -30.11
N ASP C 158 4.52 27.79 -31.25
CA ASP C 158 3.06 27.88 -31.37
C ASP C 158 2.51 26.55 -31.92
N ASP C 159 1.20 26.47 -32.04
CA ASP C 159 0.53 25.24 -32.43
C ASP C 159 1.03 24.65 -33.74
N ALA C 160 1.24 25.53 -34.70
CA ALA C 160 1.63 25.17 -36.05
C ALA C 160 3.02 24.60 -36.03
N GLU C 161 3.86 25.21 -35.19
CA GLU C 161 5.25 24.80 -35.06
C GLU C 161 5.35 23.44 -34.38
N TYR C 162 4.56 23.19 -33.33
CA TYR C 162 4.56 21.85 -32.70
C TYR C 162 4.08 20.75 -33.67
N ALA C 163 3.02 21.03 -34.40
CA ALA C 163 2.40 20.06 -35.30
C ALA C 163 3.35 19.69 -36.43
N LEU C 164 4.02 20.71 -36.99
CA LEU C 164 4.98 20.51 -38.07
C LEU C 164 6.19 19.72 -37.61
N LEU C 165 6.72 20.07 -36.43
CA LEU C 165 7.84 19.35 -35.85
C LEU C 165 7.50 17.88 -35.62
N ILE C 166 6.30 17.63 -35.17
CA ILE C 166 5.78 16.27 -35.00
C ILE C 166 5.71 15.49 -36.31
N ALA C 167 5.20 16.12 -37.38
CA ALA C 167 5.15 15.47 -38.70
C ALA C 167 6.56 15.19 -39.23
N ILE C 168 7.46 16.12 -39.00
CA ILE C 168 8.84 15.96 -39.42
C ILE C 168 9.41 14.76 -38.68
N ASN C 169 9.18 14.73 -37.37
CA ASN C 169 9.65 13.65 -36.49
C ASN C 169 9.15 12.26 -36.96
N ILE C 170 7.87 12.15 -37.24
CA ILE C 170 7.29 10.87 -37.72
C ILE C 170 8.01 10.32 -38.97
N PHE C 171 8.25 11.19 -39.95
CA PHE C 171 8.91 10.80 -41.22
C PHE C 171 10.44 10.89 -41.20
N SER C 172 11.05 10.20 -40.24
CA SER C 172 12.51 10.17 -40.14
C SER C 172 12.95 8.86 -40.79
N ALA C 173 13.60 8.97 -41.95
CA ALA C 173 13.88 7.80 -42.80
C ALA C 173 14.92 6.85 -42.20
N ASP C 174 15.63 7.30 -41.16
CA ASP C 174 16.64 6.44 -40.52
C ASP C 174 16.17 5.59 -39.33
N ARG C 175 14.88 5.52 -39.06
CA ARG C 175 14.43 4.65 -37.97
C ARG C 175 14.83 3.17 -38.18
N PRO C 176 14.96 2.40 -37.10
CA PRO C 176 15.18 0.97 -37.23
C PRO C 176 14.04 0.30 -38.01
N ASN C 177 14.42 -0.56 -38.94
CA ASN C 177 13.52 -1.45 -39.67
C ASN C 177 12.62 -0.78 -40.70
N VAL C 178 12.91 0.46 -41.07
CA VAL C 178 12.22 1.10 -42.18
C VAL C 178 12.58 0.36 -43.49
N GLN C 179 11.56 -0.09 -44.20
CA GLN C 179 11.69 -0.85 -45.43
C GLN C 179 11.80 0.06 -46.66
N GLU C 180 11.24 1.28 -46.60
CA GLU C 180 11.33 2.21 -47.76
C GLU C 180 11.83 3.61 -47.38
N PRO C 181 13.11 3.70 -46.95
CA PRO C 181 13.67 4.98 -46.47
C PRO C 181 13.49 6.12 -47.46
N GLY C 182 13.65 5.85 -48.76
CA GLY C 182 13.54 6.89 -49.78
C GLY C 182 12.17 7.52 -49.82
N ARG C 183 11.13 6.70 -49.77
CA ARG C 183 9.76 7.21 -49.70
C ARG C 183 9.53 8.02 -48.42
N VAL C 184 10.08 7.57 -47.30
CA VAL C 184 9.89 8.29 -46.03
C VAL C 184 10.53 9.72 -46.13
N GLU C 185 11.75 9.79 -46.66
CA GLU C 185 12.44 11.07 -46.85
C GLU C 185 11.64 12.04 -47.72
N ALA C 186 11.09 11.55 -48.83
CA ALA C 186 10.22 12.37 -49.72
C ALA C 186 8.99 12.89 -48.97
N LEU C 187 8.39 12.05 -48.14
CA LEU C 187 7.22 12.45 -47.33
C LEU C 187 7.57 13.52 -46.28
N GLN C 188 8.77 13.42 -45.68
CA GLN C 188 9.22 14.42 -44.69
C GLN C 188 9.42 15.81 -45.29
N GLN C 189 9.85 15.82 -46.56
CA GLN C 189 10.36 17.03 -47.18
C GLN C 189 9.37 18.21 -47.12
N PRO C 190 8.12 18.06 -47.57
CA PRO C 190 7.19 19.20 -47.52
C PRO C 190 6.93 19.73 -46.11
N TYR C 191 7.15 18.92 -45.06
CA TYR C 191 6.95 19.38 -43.70
C TYR C 191 8.12 20.26 -43.25
N VAL C 192 9.33 19.87 -43.62
CA VAL C 192 10.53 20.67 -43.35
C VAL C 192 10.43 21.98 -44.11
N GLU C 193 10.00 21.92 -45.37
CA GLU C 193 9.79 23.11 -46.23
C GLU C 193 8.74 24.07 -45.63
N ALA C 194 7.64 23.52 -45.13
CA ALA C 194 6.59 24.33 -44.51
C ALA C 194 7.08 24.98 -43.26
N LEU C 195 7.83 24.23 -42.44
CA LEU C 195 8.33 24.77 -41.18
C LEU C 195 9.35 25.90 -41.44
N LEU C 196 10.21 25.70 -42.42
CA LEU C 196 11.16 26.73 -42.83
C LEU C 196 10.42 28.02 -43.21
N SER C 197 9.43 27.91 -44.09
CA SER C 197 8.68 29.07 -44.59
C SER C 197 7.89 29.74 -43.46
N TYR C 198 7.26 28.93 -42.62
CA TYR C 198 6.43 29.46 -41.54
C TYR C 198 7.25 30.24 -40.51
N THR C 199 8.39 29.68 -40.09
CA THR C 199 9.27 30.35 -39.14
C THR C 199 9.83 31.67 -39.72
N ARG C 200 10.19 31.66 -40.99
CA ARG C 200 10.72 32.85 -41.63
C ARG C 200 9.75 34.05 -41.58
N ILE C 201 8.51 33.77 -41.15
CA ILE C 201 7.45 34.76 -40.97
C ILE C 201 7.05 35.02 -39.50
N LYS C 202 6.58 34.02 -38.75
CA LYS C 202 6.24 34.23 -37.34
C LYS C 202 7.22 35.24 -36.74
N ARG C 203 8.50 34.90 -36.75
CA ARG C 203 9.56 35.82 -36.33
C ARG C 203 10.64 35.89 -37.43
N PRO C 204 10.57 36.90 -38.29
CA PRO C 204 11.57 37.06 -39.35
C PRO C 204 12.91 37.65 -38.85
N GLN C 205 12.91 38.27 -37.67
CA GLN C 205 14.13 38.83 -37.09
C GLN C 205 14.90 37.82 -36.22
N ASP C 206 14.44 36.57 -36.19
CA ASP C 206 15.11 35.55 -35.40
C ASP C 206 15.44 34.37 -36.31
N GLN C 207 16.58 34.50 -36.98
CA GLN C 207 17.01 33.55 -38.00
C GLN C 207 17.36 32.17 -37.44
N LEU C 208 17.70 32.09 -36.16
CA LEU C 208 18.16 30.84 -35.55
C LEU C 208 17.05 29.96 -34.96
N ARG C 209 15.79 30.36 -35.08
CA ARG C 209 14.64 29.61 -34.57
C ARG C 209 14.50 28.24 -35.21
N PHE C 210 14.43 28.24 -36.53
CA PHE C 210 14.35 27.04 -37.32
C PHE C 210 15.47 26.04 -36.98
N PRO C 211 16.75 26.42 -37.10
CA PRO C 211 17.84 25.56 -36.60
C PRO C 211 17.63 25.10 -35.16
N ARG C 212 17.23 26.00 -34.27
CA ARG C 212 16.98 25.60 -32.89
C ARG C 212 15.94 24.49 -32.73
N MET C 213 14.83 24.59 -33.46
CA MET C 213 13.81 23.55 -33.48
C MET C 213 14.31 22.23 -34.00
N LEU C 214 15.05 22.28 -35.10
CA LEU C 214 15.60 21.05 -35.62
C LEU C 214 16.60 20.39 -34.65
N MET C 215 17.37 21.20 -33.93
CA MET C 215 18.28 20.66 -32.92
C MET C 215 17.56 19.96 -31.80
N LYS C 216 16.30 20.28 -31.56
CA LYS C 216 15.50 19.55 -30.58
C LYS C 216 15.24 18.11 -31.02
N LEU C 217 15.14 17.85 -32.32
CA LEU C 217 15.05 16.46 -32.81
C LEU C 217 16.29 15.66 -32.45
N VAL C 218 17.45 16.31 -32.42
CA VAL C 218 18.67 15.64 -31.98
C VAL C 218 18.49 15.24 -30.49
N SER C 219 18.12 16.19 -29.62
CA SER C 219 17.93 15.88 -28.20
C SER C 219 16.88 14.77 -28.00
N LEU C 220 15.83 14.76 -28.79
CA LEU C 220 14.81 13.71 -28.67
C LEU C 220 15.34 12.31 -28.94
N ARG C 221 16.32 12.19 -29.83
CA ARG C 221 16.94 10.89 -30.04
C ARG C 221 17.66 10.43 -28.83
N THR C 222 18.43 11.31 -28.19
CA THR C 222 19.12 10.92 -26.98
C THR C 222 18.12 10.57 -25.87
N LEU C 223 17.07 11.39 -25.74
CA LEU C 223 16.08 11.16 -24.70
C LEU C 223 15.35 9.81 -24.88
N SER C 224 15.21 9.37 -26.10
CA SER C 224 14.59 8.09 -26.42
C SER C 224 15.41 6.96 -25.81
N SER C 225 16.73 7.07 -25.97
CA SER C 225 17.67 6.13 -25.37
C SER C 225 17.65 6.22 -23.89
N VAL C 226 17.59 7.42 -23.33
CA VAL C 226 17.45 7.54 -21.88
C VAL C 226 16.16 6.83 -21.44
N HIS C 227 15.07 7.01 -22.17
CA HIS C 227 13.81 6.33 -21.81
C HIS C 227 13.93 4.80 -21.86
N SER C 228 14.56 4.27 -22.91
CA SER C 228 14.84 2.83 -23.01
C SER C 228 15.61 2.29 -21.81
N GLU C 229 16.59 3.05 -21.36
CA GLU C 229 17.34 2.68 -20.15
C GLU C 229 16.42 2.72 -18.91
N GLN C 230 15.49 3.67 -18.82
CA GLN C 230 14.55 3.71 -17.72
C GLN C 230 13.63 2.47 -17.72
N VAL C 231 13.17 2.09 -18.92
CA VAL C 231 12.31 0.91 -19.08
C VAL C 231 13.03 -0.33 -18.56
N PHE C 232 14.28 -0.52 -19.01
CA PHE C 232 15.11 -1.63 -18.57
C PHE C 232 15.29 -1.60 -17.05
N ALA C 233 15.65 -0.46 -16.49
CA ALA C 233 15.80 -0.34 -15.03
C ALA C 233 14.54 -0.78 -14.27
N LEU C 234 13.38 -0.40 -14.77
CA LEU C 234 12.11 -0.72 -14.13
C LEU C 234 11.81 -2.20 -14.12
N ARG C 235 12.20 -2.90 -15.18
CA ARG C 235 12.06 -4.35 -15.28
C ARG C 235 12.85 -5.10 -14.19
N LEU C 236 13.97 -4.52 -13.77
CA LEU C 236 14.75 -5.09 -12.66
C LEU C 236 14.14 -4.77 -11.29
N GLN C 237 13.22 -3.80 -11.20
CA GLN C 237 12.38 -3.61 -10.01
C GLN C 237 11.02 -4.34 -10.10
N ASP C 238 10.94 -5.36 -10.96
CA ASP C 238 9.68 -6.07 -11.27
C ASP C 238 8.47 -5.19 -11.69
N LYS C 239 8.73 -3.98 -12.22
CA LYS C 239 7.69 -3.14 -12.81
C LYS C 239 7.84 -3.23 -14.31
N LYS C 240 6.90 -3.96 -14.92
CA LYS C 240 6.88 -4.20 -16.36
C LYS C 240 5.69 -3.53 -17.06
N LEU C 241 5.92 -3.22 -18.33
CA LEU C 241 4.96 -2.49 -19.14
C LEU C 241 3.74 -3.33 -19.47
N PRO C 242 2.56 -2.73 -19.54
CA PRO C 242 1.39 -3.47 -20.01
C PRO C 242 1.55 -3.71 -21.51
N PRO C 243 0.79 -4.66 -22.05
CA PRO C 243 0.94 -5.10 -23.44
C PRO C 243 1.08 -3.98 -24.49
N LEU C 244 0.27 -2.93 -24.43
CA LEU C 244 0.26 -1.93 -25.51
C LEU C 244 1.57 -1.15 -25.50
N LEU C 245 2.12 -0.90 -24.32
CA LEU C 245 3.39 -0.19 -24.20
C LEU C 245 4.57 -1.11 -24.43
N SER C 246 4.41 -2.35 -24.01
CA SER C 246 5.43 -3.36 -24.16
C SER C 246 5.73 -3.64 -25.65
N GLU C 247 4.70 -3.66 -26.48
CA GLU C 247 4.87 -3.82 -27.93
C GLU C 247 5.82 -2.74 -28.52
N ILE C 248 5.73 -1.52 -27.97
CA ILE C 248 6.51 -0.39 -28.46
C ILE C 248 7.92 -0.34 -27.87
N TRP C 249 8.06 -0.61 -26.57
CA TRP C 249 9.27 -0.24 -25.83
C TRP C 249 10.09 -1.40 -25.30
N ASP C 250 9.59 -2.64 -25.29
CA ASP C 250 10.38 -3.73 -24.74
C ASP C 250 11.20 -4.34 -25.83
N LEU D 12 30.27 36.39 -46.53
CA LEU D 12 30.79 36.00 -45.18
C LEU D 12 31.64 37.13 -44.59
N THR D 13 31.61 37.25 -43.27
CA THR D 13 32.47 38.21 -42.57
C THR D 13 33.89 37.63 -42.47
N ALA D 14 34.87 38.50 -42.27
CA ALA D 14 36.26 38.09 -42.06
C ALA D 14 36.38 37.13 -40.87
N ALA D 15 35.62 37.39 -39.80
CA ALA D 15 35.59 36.48 -38.65
C ALA D 15 35.08 35.06 -39.00
N GLN D 16 34.00 34.97 -39.77
CA GLN D 16 33.46 33.67 -40.18
C GLN D 16 34.46 32.96 -41.09
N GLU D 17 35.13 33.70 -41.95
CA GLU D 17 36.14 33.12 -42.85
C GLU D 17 37.32 32.57 -42.05
N LEU D 18 37.73 33.32 -41.02
CA LEU D 18 38.87 32.93 -40.19
C LEU D 18 38.44 31.66 -39.46
N MET D 19 37.21 31.64 -38.96
CA MET D 19 36.67 30.48 -38.24
C MET D 19 36.61 29.23 -39.12
N ILE D 20 36.09 29.37 -40.33
CA ILE D 20 35.96 28.24 -41.24
C ILE D 20 37.32 27.75 -41.72
N GLN D 21 38.18 28.67 -42.14
CA GLN D 21 39.51 28.30 -42.61
C GLN D 21 40.31 27.60 -41.52
N GLN D 22 40.10 28.03 -40.29
CA GLN D 22 40.82 27.47 -39.17
C GLN D 22 40.39 26.01 -38.92
N LEU D 23 39.09 25.74 -38.92
CA LEU D 23 38.58 24.36 -38.81
C LEU D 23 39.09 23.47 -39.97
N VAL D 24 39.11 24.02 -41.18
CA VAL D 24 39.47 23.27 -42.38
C VAL D 24 40.94 22.92 -42.31
N ALA D 25 41.78 23.91 -41.99
CA ALA D 25 43.21 23.68 -41.86
C ALA D 25 43.57 22.75 -40.70
N ALA D 26 42.91 22.89 -39.56
CA ALA D 26 43.07 21.96 -38.44
C ALA D 26 42.75 20.52 -38.85
N GLN D 27 41.69 20.35 -39.62
CA GLN D 27 41.32 19.04 -40.14
C GLN D 27 42.44 18.49 -41.03
N LEU D 28 42.89 19.31 -41.98
CA LEU D 28 43.97 18.90 -42.88
C LEU D 28 45.24 18.52 -42.10
N GLN D 29 45.61 19.35 -41.12
CA GLN D 29 46.84 19.14 -40.35
C GLN D 29 46.75 17.94 -39.40
N CYS D 30 45.55 17.59 -38.94
CA CYS D 30 45.33 16.43 -38.06
C CYS D 30 45.45 15.10 -38.81
N ASN D 31 44.98 15.09 -40.05
CA ASN D 31 45.17 13.98 -40.98
C ASN D 31 46.65 13.68 -41.25
N LYS D 32 47.39 14.70 -41.69
CA LYS D 32 48.83 14.61 -41.96
C LYS D 32 49.58 13.99 -40.78
N ARG D 33 49.37 14.57 -39.59
CA ARG D 33 49.97 14.11 -38.32
C ARG D 33 50.10 12.58 -38.26
N SER D 34 49.11 11.88 -38.84
CA SER D 34 49.19 10.43 -39.11
C SER D 34 49.45 10.14 -40.60
N VAL D 41 50.99 -0.19 -37.85
CA VAL D 41 49.67 -0.79 -37.78
C VAL D 41 49.68 -2.21 -38.34
N THR D 42 48.99 -3.12 -37.64
CA THR D 42 48.89 -4.52 -38.03
C THR D 42 48.33 -4.63 -39.45
N PRO D 43 48.93 -5.46 -40.31
CA PRO D 43 48.42 -5.61 -41.68
C PRO D 43 47.15 -6.46 -41.79
N TRP D 44 46.22 -6.01 -42.64
CA TRP D 44 44.97 -6.73 -42.93
C TRP D 44 45.15 -8.26 -43.00
N SER D 52 41.09 -18.73 -40.32
CA SER D 52 39.81 -18.19 -39.88
C SER D 52 39.89 -17.66 -38.45
N ARG D 53 40.60 -18.37 -37.58
CA ARG D 53 40.74 -17.95 -36.17
C ARG D 53 41.70 -16.76 -36.00
N ASP D 54 42.99 -16.99 -36.24
CA ASP D 54 44.01 -15.93 -36.10
C ASP D 54 43.77 -14.78 -37.08
N ALA D 55 43.19 -15.08 -38.24
CA ALA D 55 42.87 -14.07 -39.24
C ALA D 55 41.80 -13.11 -38.73
N ARG D 56 40.74 -13.64 -38.13
CA ARG D 56 39.65 -12.81 -37.58
C ARG D 56 40.11 -11.89 -36.45
N GLN D 57 40.99 -12.40 -35.59
CA GLN D 57 41.49 -11.61 -34.46
C GLN D 57 42.34 -10.44 -34.94
N GLN D 58 43.01 -10.63 -36.07
CA GLN D 58 43.91 -9.64 -36.64
C GLN D 58 43.20 -8.60 -37.52
N ARG D 59 42.05 -8.98 -38.07
CA ARG D 59 41.25 -8.03 -38.86
C ARG D 59 40.53 -7.13 -37.88
N PHE D 60 40.24 -7.66 -36.69
CA PHE D 60 39.64 -6.87 -35.61
C PHE D 60 40.70 -5.98 -34.93
N ALA D 61 41.91 -6.50 -34.73
CA ALA D 61 42.98 -5.70 -34.11
C ALA D 61 43.35 -4.53 -35.01
N HIS D 62 43.41 -4.81 -36.32
CA HIS D 62 43.65 -3.82 -37.35
C HIS D 62 42.57 -2.72 -37.31
N PHE D 63 41.32 -3.10 -37.07
CA PHE D 63 40.22 -2.14 -36.95
C PHE D 63 40.37 -1.26 -35.70
N THR D 64 40.70 -1.86 -34.57
CA THR D 64 40.87 -1.09 -33.34
C THR D 64 42.08 -0.16 -33.41
N GLU D 65 43.08 -0.50 -34.22
CA GLU D 65 44.26 0.37 -34.33
C GLU D 65 43.92 1.60 -35.17
N LEU D 66 43.14 1.43 -36.22
CA LEU D 66 42.65 2.57 -37.01
C LEU D 66 41.79 3.49 -36.16
N ALA D 67 40.90 2.90 -35.38
CA ALA D 67 40.05 3.66 -34.50
C ALA D 67 40.86 4.38 -33.40
N ILE D 68 41.98 3.80 -32.96
CA ILE D 68 42.81 4.49 -31.95
C ILE D 68 43.44 5.71 -32.59
N ILE D 69 43.90 5.55 -33.83
CA ILE D 69 44.43 6.66 -34.61
C ILE D 69 43.38 7.77 -34.75
N SER D 70 42.13 7.40 -35.02
CA SER D 70 41.11 8.42 -35.27
C SER D 70 40.78 9.16 -33.99
N VAL D 71 40.74 8.44 -32.88
CA VAL D 71 40.43 9.03 -31.58
C VAL D 71 41.47 10.07 -31.21
N GLN D 72 42.74 9.75 -31.50
CA GLN D 72 43.86 10.63 -31.26
C GLN D 72 43.73 11.92 -32.11
N GLU D 73 43.40 11.74 -33.38
CA GLU D 73 43.22 12.84 -34.33
C GLU D 73 42.06 13.76 -33.89
N ILE D 74 40.97 13.16 -33.39
CA ILE D 74 39.84 13.93 -32.88
C ILE D 74 40.22 14.75 -31.66
N VAL D 75 41.04 14.19 -30.76
CA VAL D 75 41.50 14.96 -29.59
C VAL D 75 42.28 16.20 -30.05
N ASP D 76 43.28 16.01 -30.91
CA ASP D 76 44.10 17.11 -31.43
C ASP D 76 43.27 18.16 -32.13
N PHE D 77 42.23 17.71 -32.83
CA PHE D 77 41.37 18.60 -33.57
C PHE D 77 40.54 19.44 -32.61
N ALA D 78 39.92 18.81 -31.61
CA ALA D 78 39.04 19.52 -30.67
C ALA D 78 39.78 20.65 -29.97
N LYS D 79 41.05 20.41 -29.67
CA LYS D 79 41.91 21.39 -29.01
C LYS D 79 42.13 22.60 -29.92
N GLN D 80 42.08 22.42 -31.24
CA GLN D 80 42.19 23.55 -32.17
C GLN D 80 40.86 24.30 -32.43
N VAL D 81 39.71 23.75 -32.01
CA VAL D 81 38.42 24.42 -32.24
C VAL D 81 38.24 25.57 -31.24
N PRO D 82 38.19 26.84 -31.72
CA PRO D 82 38.00 27.97 -30.79
C PRO D 82 36.77 27.77 -29.90
N GLY D 83 36.97 27.99 -28.61
CA GLY D 83 35.93 27.76 -27.61
C GLY D 83 36.16 26.50 -26.79
N PHE D 84 36.68 25.45 -27.40
CA PHE D 84 36.81 24.17 -26.69
C PHE D 84 37.60 24.26 -25.37
N LEU D 85 38.76 24.89 -25.41
CA LEU D 85 39.66 24.87 -24.26
C LEU D 85 39.28 25.88 -23.19
N GLN D 86 38.38 26.81 -23.50
CA GLN D 86 37.80 27.69 -22.49
C GLN D 86 36.67 27.03 -21.67
N LEU D 87 36.21 25.84 -22.09
CA LEU D 87 35.34 25.01 -21.26
C LEU D 87 36.15 24.40 -20.12
N GLY D 88 35.46 24.01 -19.05
CA GLY D 88 36.07 23.31 -17.93
C GLY D 88 36.50 21.94 -18.37
N ARG D 89 37.46 21.34 -17.66
CA ARG D 89 38.04 20.06 -18.08
C ARG D 89 36.99 18.95 -18.15
N GLU D 90 36.05 18.94 -17.20
CA GLU D 90 34.96 17.94 -17.11
C GLU D 90 34.17 17.92 -18.41
N ASP D 91 33.74 19.11 -18.81
CA ASP D 91 33.00 19.31 -20.02
C ASP D 91 33.78 18.98 -21.26
N GLN D 92 35.06 19.35 -21.32
CA GLN D 92 35.89 18.98 -22.48
C GLN D 92 35.79 17.48 -22.66
N ILE D 93 35.97 16.76 -21.54
CA ILE D 93 35.98 15.30 -21.53
C ILE D 93 34.63 14.75 -21.96
N ALA D 94 33.57 15.28 -21.35
CA ALA D 94 32.22 14.82 -21.64
C ALA D 94 31.83 15.06 -23.09
N LEU D 95 32.18 16.22 -23.65
CA LEU D 95 31.85 16.53 -25.03
C LEU D 95 32.60 15.62 -25.98
N LEU D 96 33.90 15.44 -25.73
CA LEU D 96 34.71 14.55 -26.57
C LEU D 96 34.32 13.11 -26.51
N LYS D 97 34.02 12.62 -25.32
CA LYS D 97 33.60 11.23 -25.11
C LYS D 97 32.40 10.88 -25.98
N ALA D 98 31.45 11.81 -26.05
CA ALA D 98 30.20 11.59 -26.76
C ALA D 98 30.34 11.85 -28.26
N SER D 99 31.18 12.82 -28.63
CA SER D 99 31.32 13.22 -30.03
C SER D 99 32.17 12.28 -30.84
N THR D 100 33.09 11.56 -30.20
CA THR D 100 34.11 10.79 -30.89
C THR D 100 33.58 9.83 -31.94
N ILE D 101 32.70 8.91 -31.57
CA ILE D 101 32.16 7.96 -32.56
C ILE D 101 31.35 8.66 -33.68
N GLU D 102 30.66 9.76 -33.32
CA GLU D 102 29.86 10.51 -34.28
C GLU D 102 30.73 11.20 -35.33
N ILE D 103 31.86 11.75 -34.90
CA ILE D 103 32.83 12.35 -35.80
C ILE D 103 33.48 11.31 -36.66
N MET D 104 33.82 10.16 -36.09
CA MET D 104 34.38 9.07 -36.87
C MET D 104 33.40 8.64 -37.98
N LEU D 105 32.11 8.65 -37.65
CA LEU D 105 31.07 8.24 -38.58
C LEU D 105 30.98 9.23 -39.74
N LEU D 106 31.10 10.51 -39.41
CA LEU D 106 31.10 11.57 -40.40
C LEU D 106 32.33 11.43 -41.33
N GLU D 107 33.49 11.14 -40.77
CA GLU D 107 34.76 11.05 -41.52
C GLU D 107 34.83 9.74 -42.33
N THR D 108 34.11 8.73 -41.87
CA THR D 108 33.92 7.49 -42.59
C THR D 108 33.06 7.74 -43.85
N ALA D 109 31.90 8.36 -43.67
CA ALA D 109 31.03 8.73 -44.80
C ALA D 109 31.74 9.61 -45.83
N ARG D 110 32.56 10.51 -45.30
CA ARG D 110 33.36 11.43 -46.09
C ARG D 110 34.22 10.70 -47.12
N ARG D 111 34.66 9.49 -46.75
CA ARG D 111 35.57 8.66 -47.52
C ARG D 111 34.89 7.55 -48.31
N TYR D 112 33.56 7.51 -48.25
CA TYR D 112 32.76 6.51 -48.97
C TYR D 112 32.83 6.71 -50.49
N ASN D 113 33.05 5.60 -51.18
CA ASN D 113 33.19 5.53 -52.63
C ASN D 113 31.97 4.74 -53.18
N HIS D 114 31.02 5.44 -53.82
CA HIS D 114 29.75 4.79 -54.24
C HIS D 114 29.93 3.82 -55.41
N GLU D 115 31.02 3.94 -56.17
CA GLU D 115 31.35 3.01 -57.25
C GLU D 115 31.80 1.64 -56.74
N THR D 116 32.64 1.64 -55.69
CA THR D 116 33.24 0.40 -55.17
C THR D 116 32.51 -0.13 -53.92
N GLU D 117 31.58 0.67 -53.39
CA GLU D 117 30.93 0.40 -52.11
C GLU D 117 31.95 0.26 -50.96
N CYS D 118 33.03 1.05 -51.00
CA CYS D 118 34.09 0.91 -50.01
C CYS D 118 34.44 2.21 -49.29
N ILE D 119 34.82 2.10 -48.03
CA ILE D 119 35.33 3.24 -47.27
C ILE D 119 36.84 3.25 -47.37
N THR D 120 37.40 4.43 -47.62
CA THR D 120 38.81 4.60 -47.97
C THR D 120 39.53 5.41 -46.89
N PHE D 121 39.77 4.78 -45.73
CA PHE D 121 40.39 5.41 -44.57
C PHE D 121 41.83 5.85 -44.84
N PHE D 125 43.99 1.21 -48.86
CA PHE D 125 43.43 1.01 -47.52
C PHE D 125 41.91 1.23 -47.51
N THR D 126 41.21 0.44 -48.30
CA THR D 126 39.74 0.49 -48.39
C THR D 126 39.11 -0.74 -47.76
N TYR D 127 37.88 -0.59 -47.29
CA TYR D 127 37.15 -1.62 -46.56
C TYR D 127 35.70 -1.73 -47.06
N SER D 128 35.34 -2.90 -47.57
CA SER D 128 33.99 -3.20 -48.03
C SER D 128 33.12 -3.64 -46.85
N LYS D 129 31.85 -3.97 -47.12
CA LYS D 129 30.94 -4.46 -46.08
C LYS D 129 31.43 -5.82 -45.56
N ASP D 130 31.95 -6.62 -46.48
CA ASP D 130 32.46 -7.94 -46.18
C ASP D 130 33.73 -7.91 -45.32
N ASP D 131 34.55 -6.87 -45.49
CA ASP D 131 35.74 -6.67 -44.65
C ASP D 131 35.37 -6.31 -43.20
N PHE D 132 34.32 -5.52 -43.01
CA PHE D 132 33.81 -5.24 -41.67
C PHE D 132 33.35 -6.56 -41.03
N HIS D 133 32.66 -7.39 -41.81
CA HIS D 133 32.07 -8.62 -41.30
C HIS D 133 33.13 -9.69 -41.02
N ARG D 134 34.24 -9.63 -41.75
CA ARG D 134 35.38 -10.52 -41.55
C ARG D 134 36.15 -10.16 -40.27
N ALA D 135 35.97 -8.91 -39.80
CA ALA D 135 36.49 -8.47 -38.51
C ALA D 135 35.54 -8.79 -37.35
N GLY D 136 34.66 -9.77 -37.54
CA GLY D 136 33.70 -10.19 -36.54
C GLY D 136 32.59 -9.20 -36.20
N LEU D 137 32.33 -8.21 -37.06
CA LEU D 137 31.31 -7.19 -36.76
C LEU D 137 29.90 -7.66 -37.13
N GLN D 138 28.95 -7.28 -36.27
CA GLN D 138 27.51 -7.46 -36.49
C GLN D 138 27.04 -6.75 -37.75
N VAL D 139 26.12 -7.40 -38.46
CA VAL D 139 25.44 -6.82 -39.63
C VAL D 139 24.59 -5.61 -39.24
N GLU D 140 24.14 -5.60 -37.99
CA GLU D 140 23.20 -4.60 -37.50
C GLU D 140 23.92 -3.26 -37.30
N PHE D 141 25.24 -3.34 -37.17
CA PHE D 141 26.11 -2.15 -37.15
C PHE D 141 26.51 -1.78 -38.58
N ILE D 142 26.90 -2.78 -39.37
CA ILE D 142 27.45 -2.56 -40.70
C ILE D 142 26.47 -1.83 -41.61
N ASN D 143 25.24 -2.30 -41.68
CA ASN D 143 24.28 -1.79 -42.65
C ASN D 143 23.93 -0.32 -42.44
N PRO D 144 23.59 0.10 -41.22
CA PRO D 144 23.39 1.52 -40.94
C PRO D 144 24.60 2.44 -41.23
N ILE D 145 25.83 2.01 -40.91
CA ILE D 145 27.02 2.78 -41.29
C ILE D 145 27.04 3.10 -42.76
N PHE D 146 26.85 2.07 -43.60
CA PHE D 146 26.98 2.23 -45.06
C PHE D 146 25.80 3.01 -45.64
N GLU D 147 24.62 2.78 -45.07
CA GLU D 147 23.43 3.55 -45.41
C GLU D 147 23.68 5.01 -45.07
N PHE D 148 24.18 5.29 -43.88
CA PHE D 148 24.47 6.65 -43.51
C PHE D 148 25.54 7.22 -44.46
N SER D 149 26.58 6.44 -44.74
CA SER D 149 27.64 6.90 -45.62
C SER D 149 27.14 7.24 -47.02
N ARG D 150 26.23 6.43 -47.57
CA ARG D 150 25.61 6.70 -48.89
C ARG D 150 24.79 8.00 -48.89
N ALA D 151 23.98 8.19 -47.86
CA ALA D 151 23.17 9.40 -47.73
C ALA D 151 24.02 10.67 -47.55
N MET D 152 25.11 10.54 -46.82
CA MET D 152 26.05 11.66 -46.62
C MET D 152 26.59 12.07 -47.97
N ARG D 153 27.00 11.07 -48.73
CA ARG D 153 27.58 11.28 -50.06
C ARG D 153 26.64 12.05 -51.00
N ARG D 154 25.34 11.81 -50.90
CA ARG D 154 24.36 12.51 -51.73
C ARG D 154 24.20 13.97 -51.35
N LEU D 155 24.53 14.31 -50.13
CA LEU D 155 24.53 15.71 -49.67
C LEU D 155 25.64 16.51 -50.34
N GLY D 156 26.73 15.84 -50.69
CA GLY D 156 27.82 16.47 -51.41
C GLY D 156 28.44 17.60 -50.60
N LEU D 157 28.73 17.33 -49.34
CA LEU D 157 29.33 18.31 -48.44
C LEU D 157 30.79 18.63 -48.85
N ASP D 158 31.19 19.89 -48.76
CA ASP D 158 32.57 20.27 -49.03
C ASP D 158 33.35 20.33 -47.72
N ASP D 159 34.61 20.72 -47.80
CA ASP D 159 35.47 20.74 -46.62
C ASP D 159 34.94 21.67 -45.54
N ALA D 160 34.46 22.84 -45.94
CA ALA D 160 33.96 23.82 -44.99
C ALA D 160 32.75 23.27 -44.22
N GLU D 161 31.89 22.56 -44.93
CA GLU D 161 30.65 22.09 -44.40
C GLU D 161 30.93 20.95 -43.43
N TYR D 162 31.80 20.01 -43.79
CA TYR D 162 32.20 18.94 -42.88
C TYR D 162 32.80 19.48 -41.61
N ALA D 163 33.73 20.41 -41.75
CA ALA D 163 34.47 20.93 -40.61
C ALA D 163 33.54 21.66 -39.66
N LEU D 164 32.61 22.47 -40.19
CA LEU D 164 31.68 23.20 -39.35
C LEU D 164 30.72 22.26 -38.65
N LEU D 165 30.30 21.22 -39.35
CA LEU D 165 29.38 20.22 -38.77
C LEU D 165 30.02 19.52 -37.59
N ILE D 166 31.30 19.25 -37.69
CA ILE D 166 32.02 18.59 -36.60
C ILE D 166 32.09 19.51 -35.38
N ALA D 167 32.36 20.80 -35.61
CA ALA D 167 32.42 21.73 -34.49
C ALA D 167 31.06 21.82 -33.82
N ILE D 168 30.01 21.88 -34.64
CA ILE D 168 28.63 21.96 -34.18
C ILE D 168 28.29 20.75 -33.32
N ASN D 169 28.67 19.57 -33.79
CA ASN D 169 28.51 18.31 -33.09
C ASN D 169 29.25 18.31 -31.74
N ILE D 170 30.48 18.82 -31.72
CA ILE D 170 31.25 18.85 -30.47
C ILE D 170 30.46 19.65 -29.43
N PHE D 171 29.97 20.83 -29.81
CA PHE D 171 29.30 21.71 -28.86
C PHE D 171 27.81 21.40 -28.69
N SER D 172 27.55 20.16 -28.33
CA SER D 172 26.18 19.67 -28.09
C SER D 172 25.93 19.67 -26.59
N ALA D 173 25.02 20.53 -26.15
CA ALA D 173 24.89 20.88 -24.74
C ALA D 173 24.21 19.78 -23.95
N ASP D 174 23.52 18.90 -24.68
CA ASP D 174 22.75 17.81 -24.08
C ASP D 174 23.49 16.44 -24.02
N ARG D 175 24.81 16.42 -24.00
CA ARG D 175 25.52 15.16 -23.80
C ARG D 175 25.40 14.78 -22.35
N PRO D 176 25.48 13.48 -22.04
CA PRO D 176 25.51 13.09 -20.65
C PRO D 176 26.64 13.81 -19.93
N ASN D 177 26.37 14.18 -18.68
CA ASN D 177 27.40 14.62 -17.73
C ASN D 177 27.93 16.04 -17.99
N VAL D 178 27.30 16.81 -18.87
CA VAL D 178 27.70 18.20 -19.07
C VAL D 178 27.29 19.08 -17.87
N GLN D 179 28.26 19.81 -17.32
CA GLN D 179 28.07 20.67 -16.12
C GLN D 179 27.48 22.04 -16.45
N GLU D 180 27.98 22.64 -17.52
CA GLU D 180 27.59 23.96 -17.98
C GLU D 180 26.98 23.93 -19.38
N PRO D 181 25.79 23.34 -19.52
CA PRO D 181 25.17 23.27 -20.84
C PRO D 181 24.92 24.66 -21.43
N GLY D 182 24.55 25.66 -20.63
CA GLY D 182 24.39 27.03 -21.10
C GLY D 182 25.60 27.56 -21.86
N ARG D 183 26.81 27.36 -21.34
CA ARG D 183 28.03 27.75 -22.03
C ARG D 183 28.27 26.96 -23.33
N VAL D 184 28.02 25.68 -23.28
CA VAL D 184 28.21 24.83 -24.45
C VAL D 184 27.28 25.31 -25.58
N GLU D 185 26.03 25.58 -25.24
CA GLU D 185 25.05 26.09 -26.21
C GLU D 185 25.46 27.41 -26.86
N ALA D 186 26.01 28.34 -26.06
CA ALA D 186 26.53 29.63 -26.56
C ALA D 186 27.72 29.43 -27.48
N LEU D 187 28.55 28.45 -27.18
CA LEU D 187 29.67 28.12 -28.06
C LEU D 187 29.19 27.54 -29.40
N GLN D 188 28.13 26.76 -29.39
CA GLN D 188 27.64 26.16 -30.65
C GLN D 188 27.07 27.21 -31.65
N GLN D 189 26.46 28.25 -31.11
CA GLN D 189 25.74 29.23 -31.91
C GLN D 189 26.56 29.82 -33.08
N PRO D 190 27.72 30.37 -32.82
CA PRO D 190 28.48 31.02 -33.92
C PRO D 190 28.83 30.06 -35.05
N TYR D 191 29.08 28.78 -34.73
CA TYR D 191 29.27 27.78 -35.77
C TYR D 191 28.00 27.49 -36.55
N VAL D 192 26.85 27.49 -35.89
CA VAL D 192 25.59 27.26 -36.58
C VAL D 192 25.31 28.45 -37.52
N GLU D 193 25.54 29.67 -37.05
CA GLU D 193 25.40 30.85 -37.90
C GLU D 193 26.33 30.82 -39.12
N ALA D 194 27.58 30.41 -38.91
CA ALA D 194 28.55 30.32 -40.02
C ALA D 194 28.10 29.31 -41.07
N LEU D 195 27.57 28.16 -40.65
CA LEU D 195 27.15 27.12 -41.59
C LEU D 195 25.94 27.61 -42.36
N LEU D 196 25.03 28.26 -41.66
CA LEU D 196 23.86 28.85 -42.30
C LEU D 196 24.28 29.89 -43.32
N SER D 197 25.20 30.78 -42.97
CA SER D 197 25.68 31.81 -43.90
C SER D 197 26.41 31.15 -45.07
N TYR D 198 27.24 30.16 -44.77
CA TYR D 198 28.03 29.49 -45.78
C TYR D 198 27.13 28.81 -46.80
N THR D 199 26.12 28.09 -46.34
CA THR D 199 25.30 27.29 -47.26
C THR D 199 24.43 28.20 -48.14
N ARG D 200 23.95 29.31 -47.59
CA ARG D 200 23.10 30.27 -48.31
C ARG D 200 23.88 30.89 -49.45
N ILE D 201 25.16 31.16 -49.20
CA ILE D 201 26.07 31.79 -50.16
C ILE D 201 26.60 30.80 -51.21
N LYS D 202 27.31 29.76 -50.81
CA LYS D 202 27.69 28.64 -51.71
C LYS D 202 26.52 28.16 -52.57
N ARG D 203 25.47 27.63 -51.92
CA ARG D 203 24.33 27.03 -52.64
C ARG D 203 22.98 27.75 -52.45
N PRO D 204 22.81 28.95 -53.00
CA PRO D 204 21.57 29.72 -52.77
C PRO D 204 20.30 29.06 -53.36
N GLN D 205 20.46 28.04 -54.19
CA GLN D 205 19.35 27.38 -54.87
C GLN D 205 18.80 26.17 -54.09
N ASP D 206 19.57 25.64 -53.15
CA ASP D 206 19.12 24.55 -52.26
C ASP D 206 18.86 25.06 -50.85
N GLN D 207 17.61 25.43 -50.57
CA GLN D 207 17.23 25.93 -49.25
C GLN D 207 17.19 24.82 -48.21
N LEU D 208 17.09 23.57 -48.66
CA LEU D 208 17.01 22.40 -47.78
C LEU D 208 18.36 21.84 -47.38
N ARG D 209 19.41 22.26 -48.06
CA ARG D 209 20.77 21.86 -47.73
C ARG D 209 21.05 21.95 -46.23
N PHE D 210 20.83 23.11 -45.66
CA PHE D 210 21.15 23.36 -44.28
C PHE D 210 20.36 22.44 -43.32
N PRO D 211 19.03 22.42 -43.39
CA PRO D 211 18.26 21.46 -42.56
C PRO D 211 18.65 19.99 -42.77
N ARG D 212 18.93 19.56 -43.98
CA ARG D 212 19.46 18.20 -44.17
C ARG D 212 20.74 17.93 -43.42
N MET D 213 21.68 18.88 -43.42
CA MET D 213 22.89 18.69 -42.65
C MET D 213 22.61 18.58 -41.17
N LEU D 214 21.72 19.43 -40.67
CA LEU D 214 21.40 19.41 -39.24
C LEU D 214 20.78 18.07 -38.87
N MET D 215 20.00 17.49 -39.77
CA MET D 215 19.33 16.23 -39.53
C MET D 215 20.23 15.00 -39.58
N LYS D 216 21.38 15.13 -40.21
CA LYS D 216 22.41 14.12 -40.06
C LYS D 216 22.91 14.03 -38.60
N LEU D 217 22.91 15.13 -37.87
CA LEU D 217 23.26 15.10 -36.43
C LEU D 217 22.31 14.21 -35.63
N VAL D 218 21.03 14.22 -36.02
CA VAL D 218 20.02 13.39 -35.42
C VAL D 218 20.37 11.92 -35.67
N SER D 219 20.61 11.61 -36.95
CA SER D 219 21.00 10.26 -37.32
C SER D 219 22.23 9.81 -36.52
N LEU D 220 23.17 10.71 -36.32
CA LEU D 220 24.42 10.37 -35.60
C LEU D 220 24.16 9.94 -34.17
N ARG D 221 23.12 10.49 -33.54
CA ARG D 221 22.73 10.06 -32.17
C ARG D 221 22.34 8.64 -32.15
N THR D 222 21.45 8.26 -33.04
CA THR D 222 21.05 6.89 -33.17
C THR D 222 22.19 5.94 -33.51
N LEU D 223 23.09 6.37 -34.39
CA LEU D 223 24.20 5.52 -34.85
C LEU D 223 25.18 5.31 -33.71
N SER D 224 25.25 6.28 -32.79
CA SER D 224 25.99 6.15 -31.56
C SER D 224 25.50 4.98 -30.72
N SER D 225 24.18 4.88 -30.51
CA SER D 225 23.61 3.75 -29.77
C SER D 225 23.83 2.43 -30.53
N VAL D 226 23.73 2.48 -31.86
CA VAL D 226 24.04 1.29 -32.64
C VAL D 226 25.50 0.88 -32.33
N HIS D 227 26.45 1.83 -32.31
CA HIS D 227 27.83 1.49 -31.99
C HIS D 227 27.98 0.90 -30.58
N SER D 228 27.30 1.47 -29.60
CA SER D 228 27.32 0.93 -28.22
C SER D 228 26.84 -0.50 -28.17
N GLU D 229 25.81 -0.80 -28.94
CA GLU D 229 25.29 -2.17 -29.04
C GLU D 229 26.33 -3.09 -29.68
N GLN D 230 27.13 -2.57 -30.62
CA GLN D 230 28.19 -3.35 -31.25
C GLN D 230 29.31 -3.68 -30.26
N VAL D 231 29.72 -2.72 -29.43
CA VAL D 231 30.79 -3.00 -28.45
C VAL D 231 30.31 -3.98 -27.39
N PHE D 232 29.00 -4.00 -27.14
CA PHE D 232 28.40 -4.96 -26.23
C PHE D 232 28.48 -6.38 -26.77
N ALA D 233 28.22 -6.56 -28.07
CA ALA D 233 28.24 -7.89 -28.68
C ALA D 233 29.59 -8.59 -28.52
N LEU D 234 30.68 -7.85 -28.71
CA LEU D 234 32.03 -8.41 -28.48
C LEU D 234 32.23 -8.74 -27.01
N ARG D 235 31.85 -7.81 -26.13
CA ARG D 235 31.91 -7.98 -24.67
C ARG D 235 30.77 -8.90 -24.18
N LYS D 240 37.06 -7.92 -26.51
CA LYS D 240 37.37 -6.80 -25.61
C LYS D 240 38.11 -5.67 -26.32
N LEU D 241 37.69 -4.44 -26.05
CA LEU D 241 38.33 -3.26 -26.62
C LEU D 241 39.67 -3.01 -25.92
N PRO D 242 40.63 -2.47 -26.67
CA PRO D 242 41.91 -2.08 -26.08
C PRO D 242 41.72 -0.87 -25.15
N PRO D 243 42.39 -0.82 -24.01
CA PRO D 243 42.19 0.22 -22.99
C PRO D 243 41.92 1.66 -23.46
N LEU D 244 42.51 2.10 -24.56
CA LEU D 244 42.36 3.50 -25.02
C LEU D 244 40.94 3.76 -25.60
N LEU D 245 40.36 2.72 -26.22
CA LEU D 245 38.98 2.76 -26.72
C LEU D 245 37.97 2.35 -25.65
N SER D 246 38.38 1.45 -24.76
CA SER D 246 37.58 1.01 -23.62
C SER D 246 37.22 2.17 -22.68
N GLU D 247 38.14 3.11 -22.51
CA GLU D 247 37.94 4.26 -21.63
C GLU D 247 36.79 5.14 -22.12
N ILE D 248 36.57 5.13 -23.44
CA ILE D 248 35.58 6.01 -24.06
C ILE D 248 34.21 5.34 -24.21
N TRP D 249 34.23 4.04 -24.47
CA TRP D 249 33.04 3.35 -24.97
C TRP D 249 32.46 2.25 -24.08
N ASP D 250 33.19 1.81 -23.05
CA ASP D 250 32.67 0.76 -22.15
C ASP D 250 31.83 1.38 -21.01
C1 BNS E . -13.11 -20.51 51.72
C2 BNS E . -12.37 -21.30 50.80
C3 BNS E . -12.99 -21.83 49.64
C4 BNS E . -14.37 -21.55 49.42
S1 BNS E . -15.15 -22.25 48.00
O1 BNS E . -15.85 -23.36 48.63
O2 BNS E . -16.04 -21.29 47.39
C5 BNS E . -15.13 -20.76 50.33
C6 BNS E . -14.48 -20.23 51.49
F35 44B F . -6.90 -19.74 46.36
C34 44B F . -7.24 -20.17 45.14
F37 44B F . -7.76 -19.09 44.52
F36 44B F . -6.12 -20.50 44.55
C33 44B F . -8.21 -21.38 45.09
O42 44B F . -8.18 -21.98 43.78
C38 44B F . -7.70 -22.47 46.13
F39 44B F . -7.65 -22.05 47.39
F40 44B F . -8.57 -23.50 46.15
F41 44B F . -6.48 -22.99 45.88
C26 44B F . -9.63 -20.96 45.57
C27 44B F . -9.91 -20.17 46.74
C28 44B F . -11.25 -19.86 47.11
C25 44B F . -10.74 -21.43 44.81
C24 44B F . -12.06 -21.11 45.19
C23 44B F . -12.33 -20.33 46.33
N15 44B F . -13.75 -20.06 46.69
C16 44B F . -14.03 -18.70 47.23
C19 44B F . -14.53 -17.89 46.07
F22 44B F . -15.15 -16.80 46.53
F21 44B F . -15.42 -18.53 45.30
F20 44B F . -13.48 -17.65 45.27
C1 BNS G . -9.46 -6.47 11.09
C2 BNS G . -8.45 -6.16 12.05
C3 BNS G . -8.75 -5.37 13.17
C4 BNS G . -10.08 -4.88 13.32
S1 BNS G . -10.45 -3.86 14.72
O1 BNS G . -10.61 -2.56 14.09
O2 BNS G . -11.64 -4.43 15.33
C5 BNS G . -11.10 -5.19 12.37
C6 BNS G . -10.79 -5.99 11.24
F35 44B H . -4.14 -9.50 16.64
C34 44B H . -4.28 -8.97 17.87
F37 44B H . -5.14 -9.75 18.56
F36 44B H . -3.10 -9.09 18.48
C33 44B H . -4.73 -7.48 17.88
O42 44B H . -4.61 -6.95 19.22
C38 44B H . -3.74 -6.68 16.98
F39 44B H . -3.82 -6.96 15.66
F40 44B H . -4.04 -5.37 17.09
F41 44B H . -2.45 -6.80 17.35
C26 44B H . -6.18 -7.30 17.35
C27 44B H . -6.68 -7.96 16.16
C28 44B H . -8.01 -7.75 15.72
C25 44B H . -7.05 -6.41 18.06
C24 44B H . -8.38 -6.21 17.61
C23 44B H . -8.88 -6.88 16.45
N15 44B H . -10.27 -6.64 15.96
C16 44B H . -10.99 -7.86 15.52
C19 44B H . -11.90 -8.27 16.65
F22 44B H . -12.76 -9.16 16.15
F21 44B H . -12.60 -7.28 17.21
F20 44B H . -11.22 -8.83 17.63
C1 BNS I . 3.07 11.64 -16.60
C2 BNS I . 2.94 10.30 -17.08
C3 BNS I . 2.94 10.02 -18.47
C4 BNS I . 3.06 11.11 -19.38
S1 BNS I . 3.01 10.75 -21.10
O1 BNS I . 3.97 9.71 -21.29
O2 BNS I . 1.66 10.33 -21.41
C5 BNS I . 3.20 12.47 -18.92
C6 BNS I . 3.21 12.72 -17.53
F35 44B J . 8.17 5.33 -16.80
C34 44B J . 8.43 4.83 -18.02
F37 44B J . 9.55 5.43 -18.48
F36 44B J . 8.77 3.58 -17.83
C33 44B J . 7.25 5.00 -19.03
O42 44B J . 7.60 4.21 -20.19
C38 44B J . 5.97 4.36 -18.41
F39 44B J . 5.48 5.07 -17.37
F40 44B J . 4.95 4.36 -19.28
F41 44B J . 6.09 3.07 -18.09
C26 44B J . 6.93 6.48 -19.37
C27 44B J . 6.86 7.54 -18.39
C28 44B J . 6.56 8.88 -18.78
C25 44B J . 6.64 6.82 -20.74
C24 44B J . 6.31 8.15 -21.10
C23 44B J . 6.30 9.20 -20.13
N15 44B J . 5.91 10.59 -20.55
C16 44B J . 6.68 11.67 -19.91
C19 44B J . 7.81 12.01 -20.86
F22 44B J . 8.31 13.12 -20.37
F21 44B J . 7.45 12.24 -22.13
F20 44B J . 8.73 11.03 -20.93
C1 BNS K . 37.28 1.02 -41.13
C2 BNS K . 37.60 0.64 -39.79
C3 BNS K . 37.70 1.60 -38.77
C4 BNS K . 37.47 2.97 -39.11
S1 BNS K . 37.62 4.20 -37.85
O1 BNS K . 38.85 4.86 -38.30
O2 BNS K . 36.40 5.00 -37.86
C5 BNS K . 37.16 3.37 -40.45
C6 BNS K . 37.06 2.38 -41.46
F35 44B L . 33.90 -2.46 -33.88
C34 44B L . 33.69 -1.61 -32.87
F37 44B L . 32.45 -1.17 -33.08
F36 44B L . 33.68 -2.30 -31.73
C33 44B L . 34.69 -0.41 -32.82
O42 44B L . 34.46 0.35 -31.60
C38 44B L . 36.17 -1.01 -32.75
F39 44B L . 36.53 -1.80 -33.79
F40 44B L . 37.07 0.00 -32.73
F41 44B L . 36.40 -1.75 -31.65
C26 44B L . 34.62 0.49 -34.10
C27 44B L . 34.51 0.04 -35.48
C28 44B L . 34.49 0.98 -36.54
C25 44B L . 34.71 1.90 -33.86
C24 44B L . 34.68 2.83 -34.92
C23 44B L . 34.56 2.39 -36.26
N15 44B L . 34.57 3.44 -37.31
C16 44B L . 33.81 3.18 -38.56
C19 44B L . 32.52 3.95 -38.42
F22 44B L . 31.86 3.47 -37.35
F21 44B L . 31.79 3.83 -39.55
F20 44B L . 32.70 5.25 -38.15
#